data_4TTU
#
_entry.id   4TTU
#
_cell.length_a   68.290
_cell.length_b   100.100
_cell.length_c   184.430
_cell.angle_alpha   90.00
_cell.angle_beta   90.00
_cell.angle_gamma   90.00
#
_symmetry.space_group_name_H-M   'P 21 21 21'
#
loop_
_entity.id
_entity.type
_entity.pdbx_description
1 polymer Dextransucrase
2 branched alpha-D-glucopyranose-(1-6)-alpha-D-glucopyranose
3 non-polymer 'CALCIUM ION'
4 non-polymer 'SODIUM ION'
5 non-polymer alpha-D-glucopyranose
6 non-polymer DI(HYDROXYETHYL)ETHER
7 water water
#
_entity_poly.entity_id   1
_entity_poly.type   'polypeptide(L)'
_entity_poly.pdbx_seq_one_letter_code
;AQAGHYITKNGNDWQYDTNGELAKGLRQDSNGKLRYFDLTTGIQAKGQFVTIGQETYYFSKDHGDAQLLPMVTEGHYGTI
TLKQGQDTKTAWVYRDQNNTILKGLQNINGTLQFFDPYTGEQLKGGVAKYDDKLFYFESGKGNLVSTVAGDYQDGHYISQ
DGQTRYADKQNQLVKGLVTVNGALQYFDNATGNQIKNQQVIVDGKTYYFDDKGNGEYLFTNTLDMSTNAFSTKNVAFNHD
SSSFDHTVDGFLTADTWYRPKSILANGTTWRDSTDKDMRPLITVWWPNKNVQVNYLNFMKANGLLTTAAQYTLHSDQ
(TYI)DLNQAAQDVQVAIERRIASEHGTDWLQKLLFESQNNNPSFVKQQFIWNKDSEYHGGGDAWFQGGYLKYGNNPLTP
TTNSDYRQPGNAFDFLLANDVDNSNPVVQAENLNWLHYLMNFGTITAGQDDANFDSIRIDAVDFIHNDTIQRTYDYLRDA
YQVQQSEAKANQHISLVEAGLDAGTSTIHNDALIESNLREAATLSLTNEPGKNKPLTNMLQDVDGGTLITDHTQNSTENQ
ATPNYSIIHAHDKGVQEKVGAAITDATGADWTNFTDEQLKAGLELFYKDQRATNKKYNSYNIPSIYALMLTNKDTVPRMY
YGDMYQDDGQYMANKSIYYDALVSLMTARKSYVSGGQTMSVDNHGLLKSVRFGKDAMTANDLGTSATRTEGLGVIIGNDP
KLQLNDSDKVTLDMGAAHKNQKYRAVILTTRDGLATFNSDQAPTAWTNDQGTLTFSNQEINGQDNTQIRGVANPQVSGYL
AVWVPVGASDNQDARTAATTTENHDGKVLHSNAALDSNLIYEGFSNFQPKATTHDELTNVVIAKNADVFNNWGITSFEMA
PQYRSSGDHTFLDSTIDNGYAFTDRYDLGFNTPTKYGTDGDLRATIQALHHANMQVMADVVDNQVYNLPGKEVVSATRAG
V(IYR)GNDDATGFGTQLYVTNSVGGGQYQEKYAGQYLEALKAKYPDLFEGKAYDYWYKNYANDGSNPYYTLSHGDRESI
PADVAIKQWSAKYMNGTNVLGNGMGYVLKDWHNGQYFKLDGDKSTLPQIKGELKLEGKPIPNPLLGLDSTRTGHHHHHH
;
_entity_poly.pdbx_strand_id   A
#
loop_
_chem_comp.id
_chem_comp.type
_chem_comp.name
_chem_comp.formula
CA non-polymer 'CALCIUM ION' 'Ca 2'
GLC D-saccharide, alpha linking alpha-D-glucopyranose 'C6 H12 O6'
NA non-polymer 'SODIUM ION' 'Na 1'
PEG non-polymer DI(HYDROXYETHYL)ETHER 'C4 H10 O3'
#
# COMPACT_ATOMS: atom_id res chain seq x y z
N LYS A 24 9.59 57.13 14.63
CA LYS A 24 9.44 55.68 15.04
C LYS A 24 10.54 54.75 14.50
N GLY A 25 10.49 53.47 14.89
CA GLY A 25 11.53 52.52 14.53
C GLY A 25 12.65 52.52 15.56
N LEU A 26 13.89 52.47 15.05
CA LEU A 26 15.06 52.46 15.91
C LEU A 26 15.30 53.91 16.39
N ARG A 27 15.28 54.08 17.70
CA ARG A 27 15.30 55.40 18.34
C ARG A 27 16.35 55.37 19.45
N GLN A 28 17.19 56.41 19.47
CA GLN A 28 18.18 56.58 20.54
C GLN A 28 17.57 57.28 21.76
N ASP A 29 17.88 56.80 22.99
CA ASP A 29 17.34 57.42 24.24
C ASP A 29 18.26 58.52 24.86
N SER A 30 17.90 59.04 26.03
CA SER A 30 18.61 60.17 26.65
C SER A 30 20.02 59.83 27.15
N ASN A 31 20.31 58.56 27.44
CA ASN A 31 21.68 58.08 27.76
C ASN A 31 22.41 57.43 26.59
N GLY A 32 22.08 57.83 25.36
CA GLY A 32 22.70 57.25 24.17
C GLY A 32 22.33 55.82 23.74
N LYS A 33 21.58 55.09 24.56
CA LYS A 33 21.20 53.71 24.23
C LYS A 33 20.07 53.61 23.20
N LEU A 34 20.12 52.53 22.45
CA LEU A 34 19.19 52.30 21.33
C LEU A 34 18.03 51.45 21.76
N ARG A 35 16.85 51.80 21.28
CA ARG A 35 15.62 51.02 21.55
C ARG A 35 14.81 50.96 20.27
N TYR A 36 13.81 50.08 20.22
CA TYR A 36 13.03 49.93 19.01
C TYR A 36 11.56 50.01 19.27
N PHE A 37 10.85 50.61 18.33
CA PHE A 37 9.40 50.72 18.44
C PHE A 37 8.83 50.21 17.13
N ASP A 38 7.89 49.27 17.19
CA ASP A 38 7.32 48.63 16.00
C ASP A 38 6.73 49.68 15.06
N LEU A 39 7.06 49.61 13.77
CA LEU A 39 6.69 50.64 12.78
C LEU A 39 5.19 50.79 12.58
N THR A 40 4.42 49.71 12.71
CA THR A 40 2.94 49.78 12.61
C THR A 40 2.32 50.18 13.98
N THR A 41 2.51 49.35 15.02
CA THR A 41 1.81 49.50 16.32
C THR A 41 2.41 50.51 17.30
N GLY A 42 3.71 50.80 17.17
CA GLY A 42 4.41 51.71 18.09
C GLY A 42 4.88 51.11 19.43
N ILE A 43 4.55 49.86 19.70
CA ILE A 43 4.97 49.18 20.94
C ILE A 43 6.51 48.99 20.97
N GLN A 44 7.13 49.25 22.12
CA GLN A 44 8.53 49.02 22.30
C GLN A 44 8.84 47.50 22.25
N ALA A 45 10.00 47.16 21.68
CA ALA A 45 10.47 45.80 21.64
C ALA A 45 11.24 45.55 22.92
N LYS A 46 10.82 44.54 23.67
CA LYS A 46 11.53 44.09 24.84
C LYS A 46 11.59 42.58 24.79
N GLY A 47 12.72 42.01 25.09
CA GLY A 47 12.83 40.56 25.07
C GLY A 47 12.59 39.94 23.69
N GLN A 48 12.97 40.64 22.63
CA GLN A 48 12.86 40.08 21.30
C GLN A 48 13.92 40.54 20.28
N PHE A 49 13.99 39.81 19.16
CA PHE A 49 14.93 40.13 18.06
C PHE A 49 14.24 40.82 16.94
N VAL A 50 14.98 41.70 16.27
CA VAL A 50 14.44 42.50 15.21
C VAL A 50 15.56 42.75 14.18
N THR A 51 15.21 42.58 12.92
CA THR A 51 16.15 42.82 11.82
C THR A 51 15.83 44.22 11.31
N ILE A 52 16.82 45.12 11.36
CA ILE A 52 16.68 46.49 10.83
C ILE A 52 17.84 46.72 9.84
N GLY A 53 17.49 47.12 8.61
CA GLY A 53 18.47 47.32 7.53
C GLY A 53 19.17 45.99 7.29
N GLN A 54 20.48 45.98 7.46
CA GLN A 54 21.29 44.80 7.25
C GLN A 54 21.52 44.04 8.52
N GLU A 55 21.11 44.63 9.63
CA GLU A 55 21.55 44.16 10.95
C GLU A 55 20.43 43.45 11.70
N THR A 56 20.78 42.49 12.53
CA THR A 56 19.81 41.91 13.42
C THR A 56 20.22 42.27 14.86
N TYR A 57 19.29 42.83 15.61
CA TYR A 57 19.53 43.20 17.01
C TYR A 57 18.73 42.32 17.97
N TYR A 58 19.27 42.08 19.15
CA TYR A 58 18.42 41.71 20.30
C TYR A 58 18.16 42.93 21.20
N PHE A 59 16.94 43.05 21.71
CA PHE A 59 16.55 44.06 22.71
C PHE A 59 16.19 43.42 24.06
N SER A 60 16.80 43.91 25.15
CA SER A 60 16.78 43.24 26.49
C SER A 60 15.36 43.23 27.06
N LYS A 61 15.03 42.19 27.81
CA LYS A 61 13.66 42.11 28.44
C LYS A 61 13.40 43.13 29.53
N ASP A 62 14.47 43.61 30.20
CA ASP A 62 14.40 44.68 31.20
C ASP A 62 14.21 46.07 30.59
N HIS A 63 15.28 46.78 30.22
CA HIS A 63 15.15 48.18 29.71
CA HIS A 63 15.17 48.17 29.73
C HIS A 63 14.98 48.25 28.19
N GLY A 64 15.22 47.15 27.48
CA GLY A 64 15.02 47.14 26.01
C GLY A 64 16.24 47.66 25.26
N ASP A 65 17.41 47.46 25.86
CA ASP A 65 18.67 47.94 25.31
C ASP A 65 19.11 47.04 24.12
N ALA A 66 19.45 47.68 23.00
CA ALA A 66 19.90 47.00 21.79
C ALA A 66 21.19 46.24 22.01
N GLN A 67 21.32 45.13 21.31
CA GLN A 67 22.56 44.43 21.18
C GLN A 67 22.73 43.96 19.71
N LEU A 68 23.83 44.37 19.07
CA LEU A 68 24.10 43.99 17.70
C LEU A 68 24.57 42.56 17.71
N LEU A 69 23.93 41.69 16.93
CA LEU A 69 24.38 40.33 16.75
C LEU A 69 25.13 40.31 15.41
N PRO A 70 26.46 40.11 15.45
CA PRO A 70 27.24 40.16 14.21
C PRO A 70 26.77 39.18 13.13
N MET A 71 26.59 39.66 11.89
CA MET A 71 26.27 38.81 10.75
C MET A 71 27.42 37.85 10.51
N VAL A 72 27.14 36.55 10.49
CA VAL A 72 28.11 35.53 10.20
C VAL A 72 27.73 35.02 8.82
N THR A 73 28.57 35.35 7.85
CA THR A 73 28.51 34.77 6.51
C THR A 73 29.83 34.05 6.36
N GLU A 74 29.85 33.06 5.48
CA GLU A 74 30.99 32.12 5.31
C GLU A 74 31.02 31.10 6.43
N GLY A 75 31.72 30.02 6.18
CA GLY A 75 31.56 28.84 6.96
C GLY A 75 30.53 28.01 6.25
N HIS A 76 30.20 26.88 6.85
CA HIS A 76 29.44 25.81 6.21
C HIS A 76 29.04 24.86 7.33
N TYR A 77 27.96 24.12 7.10
CA TYR A 77 27.43 23.23 8.10
C TYR A 77 28.26 21.93 8.13
N GLY A 78 28.52 21.41 9.33
CA GLY A 78 29.43 20.27 9.54
C GLY A 78 28.82 19.08 10.24
N THR A 79 29.68 18.11 10.58
CA THR A 79 29.33 16.94 11.39
C THR A 79 30.44 16.58 12.42
N ILE A 80 30.05 15.96 13.52
CA ILE A 80 30.97 15.30 14.47
C ILE A 80 30.28 14.04 15.01
N THR A 81 31.03 13.10 15.62
CA THR A 81 30.47 11.77 15.98
C THR A 81 29.55 11.80 17.22
N THR A 90 26.44 11.44 16.42
CA THR A 90 26.36 11.93 15.03
C THR A 90 25.42 13.18 14.75
N ALA A 91 25.99 14.40 14.77
CA ALA A 91 25.19 15.65 14.84
C ALA A 91 25.77 16.83 14.07
N TRP A 92 24.95 17.87 13.87
CA TRP A 92 25.37 19.07 13.13
C TRP A 92 26.22 20.02 13.97
N VAL A 93 27.11 20.75 13.33
CA VAL A 93 27.72 21.94 13.92
C VAL A 93 27.82 22.95 12.79
N TYR A 94 28.41 24.10 13.08
CA TYR A 94 28.74 25.08 12.05
C TYR A 94 30.15 25.52 12.31
N ARG A 95 30.95 25.56 11.24
CA ARG A 95 32.37 25.92 11.35
C ARG A 95 32.62 27.18 10.53
N ASP A 96 33.52 28.05 11.01
CA ASP A 96 33.81 29.37 10.36
C ASP A 96 34.84 29.33 9.17
N GLN A 97 35.20 30.53 8.65
CA GLN A 97 36.26 30.70 7.63
C GLN A 97 37.59 29.99 8.01
N ASN A 98 37.97 30.08 9.30
CA ASN A 98 39.13 29.34 9.88
C ASN A 98 38.80 27.91 10.38
N ASN A 99 37.77 27.28 9.82
CA ASN A 99 37.33 25.93 10.23
C ASN A 99 37.11 25.64 11.75
N THR A 100 36.81 26.68 12.54
CA THR A 100 36.54 26.51 13.99
C THR A 100 35.04 26.37 14.27
N ILE A 101 34.70 25.48 15.21
CA ILE A 101 33.31 25.22 15.62
C ILE A 101 32.70 26.36 16.49
N LEU A 102 31.59 26.93 16.00
CA LEU A 102 30.86 28.01 16.70
C LEU A 102 29.84 27.50 17.75
N LYS A 103 29.74 28.26 18.85
CA LYS A 103 28.93 27.95 20.02
C LYS A 103 27.93 29.07 20.36
N GLY A 104 26.87 28.69 21.08
CA GLY A 104 25.83 29.60 21.52
C GLY A 104 25.02 30.19 20.36
N LEU A 105 24.48 31.39 20.59
CA LEU A 105 23.63 32.06 19.62
C LEU A 105 24.42 32.66 18.48
N GLN A 106 23.95 32.48 17.24
CA GLN A 106 24.66 32.91 16.05
C GLN A 106 23.75 33.45 14.94
N ASN A 107 24.06 34.64 14.40
CA ASN A 107 23.30 35.23 13.32
C ASN A 107 23.88 34.82 11.94
N ILE A 108 23.41 33.70 11.40
CA ILE A 108 23.91 33.14 10.14
C ILE A 108 22.95 33.38 8.97
N ASN A 109 23.41 34.20 8.03
CA ASN A 109 22.71 34.49 6.80
C ASN A 109 21.25 34.67 7.03
N GLY A 110 20.90 35.59 7.92
CA GLY A 110 19.49 35.96 8.16
C GLY A 110 18.61 34.97 8.92
N THR A 111 19.25 34.13 9.75
CA THR A 111 18.57 33.21 10.67
C THR A 111 19.34 33.26 11.98
N LEU A 112 18.66 32.95 13.07
CA LEU A 112 19.27 32.87 14.39
C LEU A 112 19.27 31.44 14.83
N GLN A 113 20.44 30.90 15.11
CA GLN A 113 20.60 29.49 15.37
C GLN A 113 21.30 29.45 16.70
N PHE A 114 21.18 28.32 17.37
CA PHE A 114 21.88 28.09 18.64
C PHE A 114 22.64 26.77 18.55
N PHE A 115 23.86 26.77 19.10
CA PHE A 115 24.76 25.61 19.06
C PHE A 115 25.16 25.36 20.47
N ASP A 116 25.06 24.11 20.94
CA ASP A 116 25.43 23.75 22.33
C ASP A 116 26.69 24.48 22.75
N PRO A 117 26.70 25.13 23.95
CA PRO A 117 27.90 25.95 24.29
C PRO A 117 29.24 25.17 24.55
N TYR A 118 29.20 23.84 24.52
CA TYR A 118 30.41 23.00 24.67
C TYR A 118 30.77 22.19 23.40
N THR A 119 29.87 21.36 22.87
CA THR A 119 30.17 20.61 21.64
C THR A 119 29.85 21.38 20.36
N GLY A 120 29.06 22.46 20.48
CA GLY A 120 28.63 23.25 19.32
C GLY A 120 27.61 22.51 18.47
N GLU A 121 27.03 21.44 19.02
CA GLU A 121 25.98 20.67 18.35
C GLU A 121 24.76 21.57 18.23
N GLN A 122 24.18 21.62 17.04
CA GLN A 122 23.06 22.50 16.73
C GLN A 122 21.80 21.99 17.48
N LEU A 123 21.11 22.92 18.16
CA LEU A 123 19.79 22.68 18.72
C LEU A 123 18.74 22.74 17.60
N LYS A 124 17.90 21.73 17.50
CA LYS A 124 16.74 21.74 16.59
C LYS A 124 15.55 21.14 17.34
N GLY A 125 14.38 21.77 17.27
CA GLY A 125 13.20 21.34 18.05
C GLY A 125 13.40 21.43 19.57
N GLY A 126 13.78 22.58 20.09
CA GLY A 126 13.98 22.76 21.51
C GLY A 126 14.26 24.19 21.91
N VAL A 127 14.37 24.42 23.22
CA VAL A 127 14.59 25.76 23.76
C VAL A 127 15.99 25.95 24.28
N ALA A 128 16.49 27.18 24.16
CA ALA A 128 17.69 27.67 24.82
C ALA A 128 17.38 28.98 25.54
N LYS A 129 18.17 29.23 26.58
CA LYS A 129 18.05 30.40 27.43
C LYS A 129 18.90 31.47 26.85
N TYR A 130 18.33 32.66 26.68
CA TYR A 130 19.10 33.84 26.33
C TYR A 130 18.50 35.02 27.05
N ASP A 131 19.36 35.85 27.65
CA ASP A 131 18.93 37.03 28.45
C ASP A 131 17.95 36.53 29.51
N ASP A 132 18.23 35.35 30.05
CA ASP A 132 17.46 34.80 31.20
C ASP A 132 15.98 34.50 30.86
N LYS A 133 15.69 34.24 29.57
CA LYS A 133 14.38 33.78 29.14
C LYS A 133 14.52 32.75 28.02
N LEU A 134 13.41 32.16 27.59
CA LEU A 134 13.43 31.00 26.70
C LEU A 134 12.95 31.29 25.30
N PHE A 135 13.74 30.79 24.34
CA PHE A 135 13.41 30.93 22.91
C PHE A 135 13.38 29.55 22.30
N TYR A 136 12.47 29.35 21.34
CA TYR A 136 12.34 28.06 20.67
C TYR A 136 12.97 28.10 19.27
N PHE A 137 13.68 27.02 18.98
CA PHE A 137 14.35 26.81 17.71
C PHE A 137 13.69 25.61 17.02
N GLU A 138 13.18 25.84 15.80
CA GLU A 138 12.31 24.89 15.19
C GLU A 138 13.08 23.60 14.72
N SER A 139 12.33 22.50 14.60
CA SER A 139 12.91 21.15 14.33
C SER A 139 13.47 21.02 12.92
N GLY A 140 12.95 21.78 11.96
CA GLY A 140 13.44 21.75 10.58
C GLY A 140 14.89 22.23 10.37
N LYS A 141 15.15 23.52 10.60
CA LYS A 141 16.47 24.12 10.34
C LYS A 141 17.09 24.73 11.57
N GLY A 142 16.51 24.46 12.74
CA GLY A 142 16.96 25.09 13.97
C GLY A 142 16.78 26.61 14.00
N ASN A 143 15.88 27.19 13.21
CA ASN A 143 15.69 28.64 13.26
C ASN A 143 14.96 29.07 14.53
N LEU A 144 15.40 30.20 15.07
CA LEU A 144 14.74 30.79 16.21
C LEU A 144 13.44 31.33 15.75
N VAL A 145 12.34 30.87 16.36
CA VAL A 145 11.01 31.30 15.90
C VAL A 145 10.06 31.96 16.90
N SER A 146 10.27 31.73 18.20
CA SER A 146 9.35 32.23 19.23
C SER A 146 9.93 32.18 20.62
N THR A 147 9.18 32.82 21.53
CA THR A 147 9.36 32.75 22.96
C THR A 147 8.46 31.63 23.58
N VAL A 148 8.98 31.01 24.61
CA VAL A 148 8.31 29.94 25.36
C VAL A 148 8.24 30.46 26.83
N ALA A 149 7.11 30.26 27.51
CA ALA A 149 6.84 30.91 28.79
C ALA A 149 7.66 30.30 29.91
N GLY A 150 7.85 28.99 29.87
CA GLY A 150 8.65 28.27 30.85
C GLY A 150 9.01 26.88 30.36
N ASP A 151 9.94 26.25 31.10
CA ASP A 151 10.47 24.93 30.79
C ASP A 151 10.32 24.11 32.05
N TYR A 152 9.68 22.94 31.97
CA TYR A 152 9.29 22.19 33.17
C TYR A 152 9.77 20.75 33.13
N GLN A 153 10.31 20.30 34.26
CA GLN A 153 10.88 18.94 34.45
C GLN A 153 10.33 18.26 35.71
N ASP A 154 9.87 19.06 36.66
CA ASP A 154 9.54 18.60 38.02
C ASP A 154 8.06 18.53 38.34
N GLY A 155 7.20 18.93 37.42
CA GLY A 155 5.78 18.89 37.70
C GLY A 155 5.16 17.55 37.43
N HIS A 156 3.85 17.52 37.33
CA HIS A 156 3.15 16.28 36.96
C HIS A 156 1.83 16.56 36.27
N TYR A 157 1.48 15.67 35.37
CA TYR A 157 0.17 15.75 34.69
C TYR A 157 -0.96 15.39 35.65
N ILE A 158 -2.13 15.98 35.48
CA ILE A 158 -3.29 15.62 36.28
C ILE A 158 -4.52 15.52 35.38
N SER A 159 -5.52 14.81 35.88
CA SER A 159 -6.79 14.66 35.22
C SER A 159 -7.74 15.44 36.08
N GLN A 160 -8.44 16.37 35.50
CA GLN A 160 -9.25 17.26 36.29
C GLN A 160 -10.39 17.71 35.42
N ASP A 161 -11.59 17.77 35.99
CA ASP A 161 -12.82 18.12 35.28
C ASP A 161 -12.91 17.60 33.86
N GLY A 162 -12.65 16.30 33.69
CA GLY A 162 -12.66 15.64 32.37
C GLY A 162 -11.51 16.01 31.43
N GLN A 163 -10.42 16.63 31.92
CA GLN A 163 -9.32 17.12 31.06
C GLN A 163 -7.95 16.66 31.54
N THR A 164 -6.96 16.82 30.69
CA THR A 164 -5.60 16.75 31.14
C THR A 164 -5.02 18.18 31.38
N ARG A 165 -4.35 18.36 32.52
CA ARG A 165 -3.62 19.57 32.86
C ARG A 165 -2.26 19.22 33.36
N TYR A 166 -1.43 20.23 33.61
CA TYR A 166 -0.10 20.04 34.16
C TYR A 166 0.09 21.00 35.29
N ALA A 167 0.57 20.47 36.40
CA ALA A 167 0.77 21.21 37.64
C ALA A 167 2.25 21.30 37.90
N ASP A 168 2.73 22.47 38.27
CA ASP A 168 4.18 22.63 38.43
C ASP A 168 4.62 22.11 39.84
N LYS A 169 5.85 22.43 40.21
CA LYS A 169 6.45 21.87 41.40
C LYS A 169 5.72 22.36 42.68
N GLN A 170 5.06 23.52 42.60
CA GLN A 170 4.19 23.99 43.72
C GLN A 170 2.72 23.63 43.57
N ASN A 171 2.43 22.65 42.72
CA ASN A 171 1.09 22.22 42.45
C ASN A 171 0.19 23.27 41.79
N GLN A 172 0.78 24.27 41.16
CA GLN A 172 0.04 25.29 40.43
C GLN A 172 -0.10 24.93 38.93
N LEU A 173 -1.31 25.02 38.39
CA LEU A 173 -1.55 24.84 36.96
C LEU A 173 -0.62 25.70 36.12
N VAL A 174 -0.11 25.10 35.07
CA VAL A 174 0.77 25.73 34.09
C VAL A 174 -0.10 26.10 32.90
N LYS A 175 0.14 27.28 32.35
CA LYS A 175 -0.65 27.88 31.28
C LYS A 175 0.26 28.23 30.12
N GLY A 176 -0.30 28.19 28.90
CA GLY A 176 0.34 28.78 27.73
C GLY A 176 1.31 27.80 27.03
N LEU A 177 2.17 28.37 26.21
CA LEU A 177 3.16 27.65 25.44
C LEU A 177 4.41 27.37 26.28
N VAL A 178 4.68 26.11 26.55
CA VAL A 178 5.79 25.69 27.42
C VAL A 178 6.47 24.46 26.84
N THR A 179 7.61 24.09 27.43
CA THR A 179 8.18 22.75 27.26
C THR A 179 8.05 21.93 28.56
N VAL A 180 7.63 20.68 28.41
CA VAL A 180 7.49 19.77 29.52
C VAL A 180 8.28 18.51 29.23
N ASN A 181 9.29 18.23 30.07
CA ASN A 181 10.23 17.15 29.83
C ASN A 181 10.75 17.15 28.40
N GLY A 182 11.18 18.30 27.89
CA GLY A 182 11.71 18.42 26.52
C GLY A 182 10.75 18.51 25.34
N ALA A 183 9.44 18.41 25.55
CA ALA A 183 8.46 18.48 24.50
C ALA A 183 7.69 19.77 24.56
N LEU A 184 7.53 20.42 23.41
CA LEU A 184 6.75 21.63 23.31
C LEU A 184 5.25 21.30 23.44
N GLN A 185 4.54 22.04 24.29
CA GLN A 185 3.17 21.73 24.64
C GLN A 185 2.44 23.02 24.87
N TYR A 186 1.10 22.91 24.83
CA TYR A 186 0.26 24.07 25.00
C TYR A 186 -0.90 23.76 25.93
N PHE A 187 -1.12 24.65 26.89
CA PHE A 187 -2.23 24.52 27.88
C PHE A 187 -3.07 25.81 27.78
N ASP A 188 -4.34 25.67 27.49
CA ASP A 188 -5.27 26.82 27.34
C ASP A 188 -5.14 27.80 28.49
N ASN A 189 -5.05 29.08 28.15
CA ASN A 189 -4.69 30.10 29.13
C ASN A 189 -5.72 30.21 30.24
N ALA A 190 -7.00 30.19 29.88
CA ALA A 190 -8.07 30.24 30.91
C ALA A 190 -8.12 29.02 31.84
N THR A 191 -8.10 27.82 31.29
CA THR A 191 -8.43 26.59 32.06
C THR A 191 -7.22 25.75 32.47
N GLY A 192 -6.16 25.87 31.68
CA GLY A 192 -5.05 24.99 31.80
C GLY A 192 -5.24 23.66 31.10
N ASN A 193 -6.30 23.50 30.33
CA ASN A 193 -6.54 22.27 29.56
C ASN A 193 -5.51 22.08 28.46
N GLN A 194 -4.89 20.92 28.41
CA GLN A 194 -3.91 20.65 27.39
C GLN A 194 -4.56 20.48 26.02
N ILE A 195 -3.95 21.10 25.02
CA ILE A 195 -4.41 20.95 23.67
C ILE A 195 -3.76 19.74 23.04
N LYS A 196 -4.61 18.92 22.41
CA LYS A 196 -4.19 17.73 21.73
C LYS A 196 -4.84 17.71 20.37
N ASN A 197 -4.11 17.17 19.42
CA ASN A 197 -4.53 17.09 18.04
C ASN A 197 -5.20 18.35 17.44
N GLN A 198 -4.51 19.48 17.52
CA GLN A 198 -5.00 20.74 16.92
C GLN A 198 -3.85 21.59 16.47
N GLN A 199 -4.16 22.44 15.48
CA GLN A 199 -3.28 23.54 15.11
C GLN A 199 -3.68 24.71 15.95
N VAL A 200 -2.71 25.41 16.54
CA VAL A 200 -3.00 26.51 17.41
C VAL A 200 -2.16 27.72 17.00
N ILE A 201 -2.76 28.90 17.05
CA ILE A 201 -2.03 30.15 16.88
C ILE A 201 -1.59 30.70 18.25
N VAL A 202 -0.30 30.90 18.45
CA VAL A 202 0.23 31.53 19.70
C VAL A 202 1.15 32.68 19.35
N ASP A 203 0.75 33.89 19.73
CA ASP A 203 1.54 35.11 19.49
C ASP A 203 2.05 35.26 18.03
N GLY A 204 1.15 35.12 17.07
CA GLY A 204 1.50 35.26 15.66
C GLY A 204 2.26 34.10 15.05
N LYS A 205 2.40 32.97 15.76
CA LYS A 205 3.00 31.79 15.15
C LYS A 205 2.01 30.65 15.24
N THR A 206 2.02 29.78 14.22
CA THR A 206 1.11 28.63 14.14
C THR A 206 1.88 27.38 14.43
N TYR A 207 1.36 26.56 15.35
CA TYR A 207 1.96 25.25 15.68
C TYR A 207 0.91 24.14 15.51
N TYR A 208 1.39 22.89 15.50
CA TYR A 208 0.54 21.69 15.60
C TYR A 208 0.89 20.86 16.84
N PHE A 209 -0.15 20.45 17.56
CA PHE A 209 0.08 19.59 18.74
C PHE A 209 -0.59 18.24 18.47
N ASP A 210 0.20 17.19 18.51
CA ASP A 210 -0.28 15.83 18.15
C ASP A 210 -1.21 15.20 19.21
N ASP A 211 -1.62 13.96 18.96
CA ASP A 211 -2.47 13.15 19.89
C ASP A 211 -1.94 13.03 21.36
N LYS A 212 -0.63 13.13 21.56
CA LYS A 212 -0.03 13.20 22.90
C LYS A 212 0.20 14.63 23.44
N GLY A 213 -0.18 15.65 22.69
CA GLY A 213 0.02 17.05 23.07
C GLY A 213 1.38 17.58 22.70
N ASN A 214 2.17 16.79 21.95
CA ASN A 214 3.53 17.21 21.59
C ASN A 214 3.51 18.05 20.33
N GLY A 215 4.26 19.17 20.41
CA GLY A 215 4.17 20.25 19.45
C GLY A 215 5.26 20.38 18.38
N GLU A 216 4.89 21.05 17.29
CA GLU A 216 5.90 21.46 16.29
C GLU A 216 5.50 22.79 15.65
N TYR A 217 6.50 23.54 15.20
CA TYR A 217 6.23 24.83 14.55
C TYR A 217 5.76 24.60 13.10
N LEU A 218 4.74 25.33 12.63
CA LEU A 218 4.39 25.23 11.21
C LEU A 218 4.92 26.42 10.41
N PHE A 219 4.53 27.61 10.85
CA PHE A 219 4.95 28.82 10.17
C PHE A 219 4.67 30.01 11.07
N THR A 220 5.28 31.13 10.69
CA THR A 220 5.03 32.42 11.33
C THR A 220 4.03 33.20 10.48
N ASN A 221 3.05 33.76 11.15
CA ASN A 221 1.94 34.41 10.44
C ASN A 221 2.31 35.83 9.99
N THR A 222 1.65 36.30 8.95
CA THR A 222 1.79 37.73 8.59
C THR A 222 0.97 38.54 9.58
N LEU A 223 1.40 39.77 9.88
CA LEU A 223 0.70 40.59 10.88
C LEU A 223 -0.53 41.18 10.21
N ASP A 224 -0.35 42.25 9.47
CA ASP A 224 -1.45 42.67 8.65
C ASP A 224 -0.88 43.30 7.41
N MET A 225 -1.70 43.24 6.37
CA MET A 225 -1.33 43.69 5.05
C MET A 225 -1.25 45.22 5.05
N SER A 226 -0.39 45.72 4.16
CA SER A 226 -0.29 47.13 3.86
C SER A 226 -1.67 47.67 3.57
N THR A 227 -2.13 48.61 4.39
CA THR A 227 -3.43 49.26 4.19
C THR A 227 -3.30 50.53 3.29
N ASN A 228 -2.11 50.78 2.75
CA ASN A 228 -1.78 52.02 2.02
C ASN A 228 -2.45 52.09 0.64
N ALA A 229 -2.34 53.24 -0.03
CA ALA A 229 -2.96 53.46 -1.33
C ALA A 229 -2.42 52.48 -2.37
N PHE A 230 -1.11 52.23 -2.34
CA PHE A 230 -0.51 51.20 -3.20
C PHE A 230 -1.29 49.83 -3.15
N SER A 231 -1.44 49.29 -1.95
CA SER A 231 -2.12 48.03 -1.73
C SER A 231 -3.53 48.02 -2.27
N THR A 232 -4.28 49.11 -2.09
CA THR A 232 -5.70 49.20 -2.50
C THR A 232 -5.91 49.09 -4.02
N LYS A 233 -4.90 49.52 -4.75
CA LYS A 233 -4.85 49.38 -6.19
C LYS A 233 -4.72 47.89 -6.58
N ASN A 234 -4.06 47.10 -5.72
CA ASN A 234 -3.88 45.68 -5.91
C ASN A 234 -5.11 44.80 -5.62
N VAL A 235 -6.16 45.35 -5.02
CA VAL A 235 -7.39 44.57 -4.78
C VAL A 235 -7.92 44.03 -6.12
N ALA A 236 -8.60 42.90 -6.06
CA ALA A 236 -9.05 42.20 -7.26
C ALA A 236 -10.10 43.05 -7.91
N PHE A 237 -10.16 43.00 -9.23
CA PHE A 237 -11.17 43.75 -9.98
C PHE A 237 -12.56 43.42 -9.47
N ASN A 238 -12.82 42.12 -9.32
CA ASN A 238 -14.07 41.59 -8.75
C ASN A 238 -13.84 40.13 -8.27
N HIS A 239 -14.92 39.46 -7.88
CA HIS A 239 -14.88 38.08 -7.37
C HIS A 239 -15.49 37.06 -8.34
N ASP A 240 -15.49 37.39 -9.65
CA ASP A 240 -15.97 36.53 -10.74
C ASP A 240 -14.87 35.69 -11.28
N SER A 241 -15.23 34.52 -11.79
CA SER A 241 -14.25 33.53 -12.25
C SER A 241 -13.37 34.01 -13.42
N SER A 242 -13.90 34.96 -14.18
CA SER A 242 -13.17 35.52 -15.31
C SER A 242 -12.00 36.39 -14.83
N SER A 243 -12.03 36.81 -13.57
CA SER A 243 -10.92 37.57 -12.95
C SER A 243 -9.79 36.72 -12.37
N PHE A 244 -9.88 35.39 -12.42
CA PHE A 244 -8.83 34.54 -11.83
C PHE A 244 -8.61 33.33 -12.68
N ASP A 245 -7.39 32.79 -12.63
CA ASP A 245 -7.05 31.57 -13.36
C ASP A 245 -6.31 30.54 -12.46
N HIS A 246 -6.06 29.36 -13.01
CA HIS A 246 -5.57 28.22 -12.27
C HIS A 246 -6.45 27.93 -11.00
N THR A 247 -7.77 28.09 -11.15
CA THR A 247 -8.73 27.77 -10.11
C THR A 247 -9.29 26.34 -10.31
N VAL A 248 -9.82 25.76 -9.24
CA VAL A 248 -10.42 24.44 -9.29
C VAL A 248 -11.67 24.52 -8.46
N ASP A 249 -12.80 24.19 -9.05
CA ASP A 249 -14.12 24.25 -8.35
C ASP A 249 -14.39 25.61 -7.65
N GLY A 250 -13.89 26.69 -8.20
CA GLY A 250 -14.11 28.00 -7.59
C GLY A 250 -13.10 28.41 -6.53
N PHE A 251 -12.19 27.51 -6.18
CA PHE A 251 -11.13 27.83 -5.22
C PHE A 251 -9.88 28.30 -5.95
N LEU A 252 -9.09 29.05 -5.21
CA LEU A 252 -7.87 29.62 -5.66
C LEU A 252 -6.73 28.76 -5.17
N THR A 253 -5.66 28.68 -5.95
CA THR A 253 -4.49 27.90 -5.64
C THR A 253 -3.24 28.77 -5.74
N ALA A 254 -2.13 28.22 -5.30
CA ALA A 254 -0.86 28.90 -5.34
C ALA A 254 -0.42 29.36 -6.75
N ASP A 255 -0.98 28.70 -7.79
CA ASP A 255 -0.67 28.96 -9.18
C ASP A 255 -1.57 30.04 -9.76
N THR A 256 -2.52 30.53 -8.96
CA THR A 256 -3.51 31.48 -9.46
C THR A 256 -2.95 32.88 -9.86
N TRP A 257 -3.38 33.34 -11.03
CA TRP A 257 -3.15 34.72 -11.52
C TRP A 257 -4.51 35.43 -11.48
N TYR A 258 -4.49 36.74 -11.29
CA TYR A 258 -5.72 37.49 -11.08
C TYR A 258 -5.66 38.84 -11.80
N ARG A 259 -6.83 39.45 -11.95
CA ARG A 259 -6.95 40.80 -12.47
C ARG A 259 -7.13 41.83 -11.32
N PRO A 260 -6.16 42.72 -11.16
CA PRO A 260 -6.27 43.78 -10.16
C PRO A 260 -7.06 44.93 -10.67
N LYS A 261 -7.56 45.77 -9.75
CA LYS A 261 -8.33 47.00 -10.09
C LYS A 261 -7.56 47.90 -11.02
N SER A 262 -6.29 48.03 -10.69
CA SER A 262 -5.38 48.95 -11.34
C SER A 262 -4.03 48.28 -11.51
N ILE A 263 -3.27 48.81 -12.47
CA ILE A 263 -1.99 48.33 -12.93
C ILE A 263 -1.02 49.52 -12.94
N LEU A 264 0.21 49.30 -12.47
CA LEU A 264 1.24 50.34 -12.45
C LEU A 264 2.02 50.23 -13.75
N ALA A 265 1.41 50.71 -14.85
CA ALA A 265 1.97 50.54 -16.20
C ALA A 265 3.38 51.08 -16.22
N ASN A 266 4.33 50.25 -16.64
CA ASN A 266 5.71 50.66 -16.92
C ASN A 266 6.56 50.88 -15.70
N GLY A 267 6.00 50.58 -14.53
CA GLY A 267 6.64 50.85 -13.26
C GLY A 267 6.43 52.25 -12.76
N THR A 268 5.55 53.02 -13.44
CA THR A 268 5.42 54.50 -13.29
C THR A 268 3.99 55.01 -13.08
N THR A 269 3.02 54.53 -13.88
CA THR A 269 1.73 55.20 -13.99
C THR A 269 0.52 54.32 -13.75
N TRP A 270 -0.18 54.57 -12.65
CA TRP A 270 -1.39 53.83 -12.34
C TRP A 270 -2.44 54.04 -13.44
N ARG A 271 -2.89 52.95 -14.06
CA ARG A 271 -4.07 52.96 -14.93
C ARG A 271 -5.10 51.92 -14.49
N ASP A 272 -6.36 52.17 -14.88
CA ASP A 272 -7.38 51.17 -14.72
C ASP A 272 -6.96 49.92 -15.49
N SER A 273 -7.22 48.76 -14.86
CA SER A 273 -6.84 47.47 -15.48
C SER A 273 -7.80 47.20 -16.63
N THR A 274 -7.35 46.42 -17.59
CA THR A 274 -8.25 45.84 -18.62
C THR A 274 -8.49 44.33 -18.33
N ASP A 275 -9.38 43.73 -19.12
CA ASP A 275 -9.61 42.28 -19.10
C ASP A 275 -8.45 41.44 -19.63
N LYS A 276 -7.42 42.05 -20.20
CA LYS A 276 -6.17 41.37 -20.56
C LYS A 276 -5.07 41.44 -19.49
N ASP A 277 -5.29 42.16 -18.40
CA ASP A 277 -4.27 42.29 -17.35
C ASP A 277 -4.42 41.16 -16.36
N MET A 278 -3.38 40.37 -16.20
CA MET A 278 -3.37 39.31 -15.20
C MET A 278 -2.03 39.32 -14.50
N ARG A 279 -2.04 39.08 -13.20
CA ARG A 279 -0.80 39.05 -12.47
C ARG A 279 -0.86 37.92 -11.45
N PRO A 280 0.27 37.40 -11.06
CA PRO A 280 0.26 36.29 -10.09
C PRO A 280 -0.15 36.78 -8.71
N LEU A 281 -1.02 36.03 -8.05
CA LEU A 281 -1.45 36.38 -6.72
C LEU A 281 -0.29 36.43 -5.70
N ILE A 282 0.67 35.54 -5.83
CA ILE A 282 1.83 35.57 -4.92
C ILE A 282 2.89 36.67 -5.15
N THR A 283 2.60 37.69 -5.98
CA THR A 283 3.39 38.93 -6.00
C THR A 283 2.76 39.99 -5.08
N VAL A 284 1.50 39.78 -4.67
CA VAL A 284 0.77 40.77 -3.88
C VAL A 284 0.26 40.24 -2.55
N TRP A 285 0.43 38.94 -2.26
CA TRP A 285 -0.24 38.30 -1.09
C TRP A 285 0.48 37.00 -0.78
N TRP A 286 0.60 36.73 0.52
CA TRP A 286 1.36 35.58 1.01
C TRP A 286 0.57 34.90 2.13
N PRO A 287 0.60 33.58 2.19
CA PRO A 287 -0.17 32.86 3.22
C PRO A 287 0.43 32.97 4.60
N ASN A 288 1.75 33.17 4.69
CA ASN A 288 2.44 33.35 5.94
C ASN A 288 3.73 34.19 5.76
N LYS A 289 4.38 34.55 6.87
CA LYS A 289 5.59 35.39 6.79
C LYS A 289 6.76 34.65 6.14
N ASN A 290 6.84 33.34 6.37
CA ASN A 290 7.97 32.55 5.85
C ASN A 290 7.99 32.65 4.33
N VAL A 291 6.82 32.53 3.72
CA VAL A 291 6.70 32.66 2.28
C VAL A 291 7.00 34.06 1.75
N GLN A 292 6.54 35.07 2.45
CA GLN A 292 6.82 36.44 2.07
C GLN A 292 8.35 36.73 2.10
N VAL A 293 9.01 36.34 3.19
CA VAL A 293 10.46 36.55 3.31
C VAL A 293 11.19 35.78 2.22
N ASN A 294 10.84 34.51 2.07
CA ASN A 294 11.40 33.67 1.00
C ASN A 294 11.17 34.26 -0.39
N TYR A 295 9.99 34.84 -0.61
CA TYR A 295 9.74 35.51 -1.87
C TYR A 295 10.70 36.72 -2.09
N LEU A 296 10.92 37.54 -1.06
CA LEU A 296 11.70 38.76 -1.24
C LEU A 296 13.09 38.31 -1.50
N ASN A 297 13.59 37.34 -0.74
CA ASN A 297 14.94 36.91 -0.98
C ASN A 297 15.16 36.26 -2.35
N PHE A 298 14.16 35.50 -2.81
CA PHE A 298 14.20 34.90 -4.12
C PHE A 298 14.23 35.96 -5.19
N MET A 299 13.38 36.97 -5.09
CA MET A 299 13.37 38.05 -6.05
C MET A 299 14.65 38.83 -6.06
N LYS A 300 15.20 39.07 -4.87
CA LYS A 300 16.50 39.72 -4.76
C LYS A 300 17.53 38.94 -5.54
N ALA A 301 17.59 37.63 -5.32
CA ALA A 301 18.54 36.76 -6.00
C ALA A 301 18.33 36.70 -7.52
N ASN A 302 17.17 37.11 -8.03
CA ASN A 302 16.94 37.08 -9.47
C ASN A 302 16.78 38.47 -10.06
N GLY A 303 17.38 39.48 -9.45
CA GLY A 303 17.49 40.74 -10.13
C GLY A 303 16.43 41.78 -9.89
N LEU A 304 15.30 41.42 -9.30
CA LEU A 304 14.21 42.38 -9.13
C LEU A 304 14.25 43.26 -7.88
N LEU A 305 15.28 43.10 -7.06
CA LEU A 305 15.41 43.93 -5.88
C LEU A 305 16.87 44.13 -5.66
N THR A 306 17.29 45.39 -5.67
CA THR A 306 18.68 45.71 -5.45
C THR A 306 18.72 46.37 -4.10
N THR A 307 19.41 45.72 -3.17
CA THR A 307 19.52 46.22 -1.82
C THR A 307 20.52 45.34 -1.04
N ALA A 308 21.08 45.94 0.00
CA ALA A 308 21.88 45.25 1.01
C ALA A 308 20.99 44.87 2.22
N ALA A 309 19.79 45.47 2.33
CA ALA A 309 18.77 45.05 3.35
C ALA A 309 18.51 43.50 3.44
N GLN A 310 18.32 43.00 4.66
CA GLN A 310 18.16 41.55 4.94
C GLN A 310 16.73 41.30 5.31
N TYR A 311 16.14 40.23 4.77
CA TYR A 311 14.76 39.90 5.04
C TYR A 311 14.71 38.61 5.80
N THR A 312 14.15 38.71 7.00
CA THR A 312 14.12 37.60 7.92
C THR A 312 12.78 37.51 8.54
N LEU A 313 12.61 36.43 9.27
CA LEU A 313 11.45 36.23 10.13
C LEU A 313 11.32 37.27 11.26
N HIS A 314 12.42 37.95 11.56
CA HIS A 314 12.42 39.09 12.51
C HIS A 314 12.37 40.47 11.95
N SER A 315 12.24 40.56 10.63
CA SER A 315 12.01 41.84 9.98
C SER A 315 10.68 42.31 10.44
N ASP A 316 10.56 43.62 10.54
CA ASP A 316 9.31 44.29 10.83
C ASP A 316 8.40 44.10 9.63
N GLN A 317 7.15 43.76 9.86
CA GLN A 317 6.23 43.50 8.76
C GLN A 317 6.09 44.70 7.84
N TYI A 318 6.19 45.92 8.39
CA TYI A 318 6.11 47.14 7.59
CB TYI A 318 6.17 48.43 8.45
CG TYI A 318 5.98 49.70 7.62
CD1 TYI A 318 4.71 50.27 7.47
CE1 TYI A 318 4.50 51.43 6.69
CD2 TYI A 318 7.09 50.27 7.00
CE2 TYI A 318 7.00 51.42 6.20
CZ TYI A 318 5.66 52.06 6.01
OH TYI A 318 5.48 53.18 5.25
C TYI A 318 7.16 47.11 6.49
O TYI A 318 6.86 47.34 5.29
I1 TYI A 318 2.59 52.24 6.48
I2 TYI A 318 8.73 52.15 5.30
N ASP A 319 8.40 46.80 6.86
CA ASP A 319 9.50 46.78 5.88
C ASP A 319 9.33 45.67 4.85
N LEU A 320 8.84 44.53 5.27
CA LEU A 320 8.55 43.44 4.32
C LEU A 320 7.49 43.83 3.32
N ASN A 321 6.45 44.49 3.79
CA ASN A 321 5.37 44.94 2.93
C ASN A 321 5.81 46.00 1.91
N GLN A 322 6.65 46.91 2.38
CA GLN A 322 7.21 47.94 1.51
C GLN A 322 8.14 47.33 0.41
N ALA A 323 9.03 46.41 0.80
CA ALA A 323 9.94 45.81 -0.16
C ALA A 323 9.19 44.97 -1.24
N ALA A 324 8.02 44.40 -0.89
CA ALA A 324 7.22 43.67 -1.86
C ALA A 324 6.68 44.58 -2.91
N GLN A 325 6.29 45.77 -2.46
CA GLN A 325 5.83 46.83 -3.38
C GLN A 325 6.95 47.31 -4.33
N ASP A 326 8.19 47.39 -3.85
CA ASP A 326 9.33 47.75 -4.67
C ASP A 326 9.64 46.66 -5.66
N VAL A 327 9.53 45.41 -5.25
CA VAL A 327 9.58 44.28 -6.18
C VAL A 327 8.52 44.43 -7.30
N GLN A 328 7.31 44.80 -6.93
CA GLN A 328 6.21 44.94 -7.89
C GLN A 328 6.51 46.05 -8.97
N VAL A 329 6.95 47.22 -8.50
CA VAL A 329 7.54 48.27 -9.38
C VAL A 329 8.50 47.66 -10.42
N ALA A 330 9.47 46.89 -9.96
CA ALA A 330 10.45 46.35 -10.90
C ALA A 330 9.84 45.32 -11.88
N ILE A 331 8.87 44.55 -11.41
CA ILE A 331 8.17 43.61 -12.26
C ILE A 331 7.46 44.39 -13.38
N GLU A 332 6.71 45.42 -13.04
CA GLU A 332 6.01 46.18 -14.06
C GLU A 332 6.98 46.79 -15.09
N ARG A 333 8.18 47.19 -14.65
CA ARG A 333 9.16 47.74 -15.59
CA ARG A 333 9.20 47.72 -15.57
C ARG A 333 9.54 46.61 -16.54
N ARG A 334 9.80 45.41 -16.02
CA ARG A 334 10.20 44.30 -16.90
C ARG A 334 9.06 43.80 -17.81
N ILE A 335 7.81 43.94 -17.36
CA ILE A 335 6.66 43.51 -18.15
C ILE A 335 6.58 44.39 -19.42
N ALA A 336 6.76 45.70 -19.24
CA ALA A 336 6.91 46.65 -20.34
C ALA A 336 8.07 46.31 -21.31
N SER A 337 9.29 46.06 -20.82
CA SER A 337 10.46 45.74 -21.69
C SER A 337 10.31 44.48 -22.51
N GLU A 338 9.74 43.46 -21.90
CA GLU A 338 9.54 42.16 -22.54
C GLU A 338 8.23 42.09 -23.34
N HIS A 339 7.33 43.04 -23.15
CA HIS A 339 6.00 43.04 -23.78
C HIS A 339 5.22 41.80 -23.36
N GLY A 340 5.29 41.44 -22.08
CA GLY A 340 4.64 40.21 -21.63
C GLY A 340 5.01 39.72 -20.26
N THR A 341 4.36 38.61 -19.89
CA THR A 341 4.50 38.01 -18.56
C THR A 341 5.06 36.59 -18.59
N ASP A 342 5.52 36.13 -19.75
CA ASP A 342 6.02 34.74 -19.87
C ASP A 342 7.30 34.51 -19.07
N TRP A 343 8.13 35.52 -18.99
CA TRP A 343 9.31 35.44 -18.09
C TRP A 343 8.90 35.25 -16.60
N LEU A 344 7.80 35.87 -16.22
CA LEU A 344 7.35 35.82 -14.83
C LEU A 344 6.80 34.43 -14.49
N GLN A 345 5.90 33.92 -15.33
CA GLN A 345 5.45 32.50 -15.27
C GLN A 345 6.58 31.52 -15.01
N LYS A 346 7.64 31.63 -15.78
CA LYS A 346 8.85 30.83 -15.58
C LYS A 346 9.58 31.06 -14.24
N LEU A 347 9.77 32.35 -13.93
CA LEU A 347 10.57 32.71 -12.74
C LEU A 347 9.96 32.09 -11.47
N LEU A 348 8.65 32.24 -11.29
CA LEU A 348 7.96 31.79 -10.06
C LEU A 348 7.48 30.34 -10.07
N PHE A 349 7.08 29.84 -11.25
CA PHE A 349 6.29 28.61 -11.31
C PHE A 349 7.01 27.42 -11.96
N GLU A 350 8.22 27.59 -12.46
CA GLU A 350 8.92 26.47 -13.13
C GLU A 350 10.28 26.28 -12.53
N SER A 351 10.81 25.07 -12.68
CA SER A 351 12.14 24.75 -12.22
C SER A 351 13.23 25.54 -12.93
N GLN A 352 13.96 26.34 -12.15
CA GLN A 352 15.09 27.11 -12.64
C GLN A 352 16.35 26.47 -12.08
N ASN A 353 17.21 26.05 -13.01
CA ASN A 353 18.54 25.50 -12.72
C ASN A 353 18.41 24.21 -11.97
N ASN A 354 17.51 23.33 -12.40
CA ASN A 354 17.36 22.04 -11.70
C ASN A 354 16.73 22.16 -10.26
N ASN A 355 16.54 23.38 -9.77
CA ASN A 355 15.96 23.58 -8.45
C ASN A 355 14.45 23.49 -8.57
N PRO A 356 13.77 23.09 -7.49
CA PRO A 356 12.33 23.14 -7.60
C PRO A 356 11.92 24.60 -7.71
N SER A 357 10.76 24.84 -8.29
CA SER A 357 10.23 26.16 -8.48
C SER A 357 10.10 26.90 -7.12
N PHE A 358 9.97 28.21 -7.19
CA PHE A 358 9.80 28.99 -5.98
C PHE A 358 8.66 28.43 -5.12
N VAL A 359 7.50 28.25 -5.75
CA VAL A 359 6.32 27.65 -5.10
C VAL A 359 6.61 26.37 -4.38
N LYS A 360 7.31 25.47 -5.07
CA LYS A 360 7.66 24.16 -4.51
C LYS A 360 8.73 24.20 -3.45
N GLN A 361 9.42 25.32 -3.36
CA GLN A 361 10.36 25.48 -2.26
C GLN A 361 9.64 25.73 -0.91
N GLN A 362 8.35 26.11 -0.92
CA GLN A 362 7.70 26.51 0.29
C GLN A 362 7.05 25.30 0.99
N PHE A 363 7.27 25.23 2.30
CA PHE A 363 6.75 24.20 3.20
C PHE A 363 5.27 23.94 2.99
N ILE A 364 4.47 24.99 2.99
CA ILE A 364 3.03 24.75 2.83
C ILE A 364 2.58 24.33 1.44
N TRP A 365 3.49 24.32 0.46
CA TRP A 365 3.16 23.93 -0.88
C TRP A 365 4.04 22.78 -1.30
N ASN A 366 4.52 21.99 -0.34
CA ASN A 366 5.27 20.78 -0.71
C ASN A 366 5.00 19.67 0.29
N LYS A 367 5.57 18.52 -0.01
CA LYS A 367 5.30 17.33 0.77
C LYS A 367 5.74 17.36 2.24
N ASP A 368 6.61 18.30 2.59
CA ASP A 368 7.03 18.41 4.00
C ASP A 368 5.83 18.71 4.89
N SER A 369 4.88 19.50 4.41
CA SER A 369 3.67 19.81 5.25
C SER A 369 2.59 18.69 5.22
N GLU A 370 2.86 17.57 4.53
CA GLU A 370 1.91 16.41 4.46
C GLU A 370 2.36 15.25 5.30
N TYR A 371 3.59 15.30 5.83
CA TYR A 371 4.07 14.34 6.86
C TYR A 371 3.87 12.91 6.37
N HIS A 372 4.53 12.59 5.25
CA HIS A 372 4.42 11.27 4.63
C HIS A 372 4.98 10.19 5.54
N GLY A 373 4.44 8.95 5.46
CA GLY A 373 5.03 7.78 6.14
C GLY A 373 4.34 7.49 7.46
N GLY A 374 5.01 6.71 8.29
CA GLY A 374 4.43 6.10 9.47
C GLY A 374 4.20 4.57 9.25
N GLY A 375 4.08 3.85 10.36
CA GLY A 375 3.80 2.41 10.34
C GLY A 375 2.51 1.99 9.61
N ASP A 376 1.46 2.84 9.64
CA ASP A 376 0.23 2.54 8.94
C ASP A 376 0.19 3.05 7.45
N ALA A 377 1.32 3.54 6.96
CA ALA A 377 1.47 4.10 5.59
C ALA A 377 2.07 3.03 4.69
N TRP A 378 1.31 1.98 4.41
CA TRP A 378 1.95 0.78 3.81
C TRP A 378 2.58 1.05 2.42
N PHE A 379 1.97 1.94 1.64
CA PHE A 379 2.47 2.20 0.30
C PHE A 379 2.33 3.66 -0.02
N GLN A 380 3.17 4.10 -0.95
CA GLN A 380 3.06 5.41 -1.57
C GLN A 380 3.16 6.62 -0.58
N GLY A 381 3.72 6.39 0.61
CA GLY A 381 3.83 7.41 1.64
C GLY A 381 2.57 7.66 2.48
N GLY A 382 1.51 6.88 2.27
CA GLY A 382 0.29 7.03 2.99
C GLY A 382 -0.77 7.83 2.23
N TYR A 383 -1.83 8.10 2.97
CA TYR A 383 -3.13 8.38 2.37
C TYR A 383 -3.73 9.64 2.93
N LEU A 384 -4.64 10.19 2.12
CA LEU A 384 -5.54 11.26 2.51
C LEU A 384 -6.99 10.81 2.44
N LYS A 385 -7.71 10.94 3.53
CA LYS A 385 -9.10 10.56 3.62
C LYS A 385 -10.01 11.73 3.35
N TYR A 386 -10.99 11.51 2.52
CA TYR A 386 -11.94 12.55 2.11
C TYR A 386 -13.03 12.72 3.17
N GLY A 387 -13.46 13.97 3.32
CA GLY A 387 -14.53 14.35 4.20
C GLY A 387 -15.45 15.35 3.53
N ASN A 388 -16.28 16.01 4.36
CA ASN A 388 -17.21 17.01 3.92
C ASN A 388 -16.85 18.43 4.35
N ASN A 389 -17.39 19.40 3.61
CA ASN A 389 -17.20 20.82 3.86
C ASN A 389 -18.34 21.58 3.19
N PRO A 390 -18.96 22.56 3.91
CA PRO A 390 -20.04 23.39 3.32
C PRO A 390 -19.69 23.96 1.94
N LEU A 391 -18.43 24.28 1.69
CA LEU A 391 -18.03 24.86 0.39
C LEU A 391 -17.74 23.87 -0.75
N THR A 392 -17.85 22.56 -0.49
CA THR A 392 -17.57 21.58 -1.53
C THR A 392 -18.75 20.63 -1.78
N PRO A 393 -19.93 21.18 -2.16
CA PRO A 393 -21.05 20.26 -2.34
C PRO A 393 -20.82 19.20 -3.43
N THR A 394 -20.07 19.50 -4.46
CA THR A 394 -19.84 18.48 -5.52
C THR A 394 -18.88 17.35 -5.12
N THR A 395 -18.15 17.46 -4.02
CA THR A 395 -17.31 16.34 -3.53
C THR A 395 -17.69 15.74 -2.19
N ASN A 396 -18.78 16.23 -1.59
CA ASN A 396 -19.19 15.74 -0.31
C ASN A 396 -19.81 14.33 -0.46
N SER A 397 -19.87 13.58 0.66
CA SER A 397 -20.58 12.29 0.70
C SER A 397 -21.23 12.04 2.02
N ASP A 398 -22.41 11.43 1.98
CA ASP A 398 -23.03 10.77 3.14
C ASP A 398 -22.57 9.31 3.43
N TYR A 399 -21.56 8.83 2.70
CA TYR A 399 -21.15 7.43 2.81
C TYR A 399 -19.72 7.38 3.35
N ARG A 400 -18.78 6.78 2.60
CA ARG A 400 -17.38 6.66 2.99
C ARG A 400 -17.07 5.90 4.29
N GLN A 401 -17.92 4.99 4.73
CA GLN A 401 -17.57 4.10 5.85
C GLN A 401 -16.80 2.89 5.27
N PRO A 402 -15.74 2.46 5.94
CA PRO A 402 -14.97 1.36 5.41
C PRO A 402 -15.74 0.01 5.32
N GLY A 403 -16.56 -0.30 6.34
CA GLY A 403 -17.24 -1.57 6.47
C GLY A 403 -16.37 -2.80 6.34
N ASN A 404 -15.13 -2.71 6.78
CA ASN A 404 -14.27 -3.87 6.85
C ASN A 404 -13.14 -3.48 7.74
N ALA A 405 -12.23 -4.40 7.96
CA ALA A 405 -11.10 -4.09 8.86
C ALA A 405 -10.05 -3.11 8.27
N PHE A 406 -9.87 -3.07 6.95
CA PHE A 406 -9.00 -2.14 6.29
C PHE A 406 -9.77 -1.20 5.36
N ASP A 407 -9.11 -0.15 4.89
CA ASP A 407 -9.75 0.86 4.04
C ASP A 407 -8.85 1.24 2.87
N PHE A 408 -7.71 1.90 3.15
CA PHE A 408 -6.78 2.40 2.13
C PHE A 408 -5.59 1.46 1.88
N LEU A 409 -5.08 1.52 0.63
CA LEU A 409 -3.93 0.74 0.21
C LEU A 409 -3.10 1.43 -0.85
N LEU A 410 -3.77 1.78 -1.96
CA LEU A 410 -3.19 2.33 -3.16
C LEU A 410 -4.13 3.31 -3.87
N ALA A 411 -3.54 4.36 -4.42
CA ALA A 411 -4.16 5.16 -5.47
C ALA A 411 -5.49 5.79 -5.02
N ASN A 412 -6.46 5.89 -5.91
CA ASN A 412 -7.75 6.45 -5.54
C ASN A 412 -8.62 5.39 -4.97
N ASP A 413 -8.97 5.50 -3.73
CA ASP A 413 -9.68 4.43 -3.06
C ASP A 413 -11.19 4.56 -3.32
N VAL A 414 -11.77 3.52 -3.93
CA VAL A 414 -13.17 3.49 -4.33
C VAL A 414 -14.08 3.31 -3.08
N ASP A 415 -15.07 4.19 -2.92
CA ASP A 415 -16.06 4.05 -1.87
C ASP A 415 -17.10 2.98 -2.24
N ASN A 416 -16.79 1.72 -1.90
CA ASN A 416 -17.66 0.60 -2.13
C ASN A 416 -18.85 0.55 -1.21
N SER A 417 -18.95 1.44 -0.22
CA SER A 417 -20.16 1.55 0.58
C SER A 417 -21.24 2.35 -0.15
N ASN A 418 -20.83 3.19 -1.09
CA ASN A 418 -21.78 4.04 -1.81
C ASN A 418 -22.78 3.25 -2.67
N PRO A 419 -24.10 3.53 -2.53
CA PRO A 419 -25.07 2.68 -3.28
C PRO A 419 -24.88 2.70 -4.78
N VAL A 420 -24.48 3.83 -5.34
CA VAL A 420 -24.31 3.95 -6.78
C VAL A 420 -23.07 3.18 -7.24
N VAL A 421 -22.02 3.21 -6.43
CA VAL A 421 -20.82 2.45 -6.68
C VAL A 421 -21.14 0.95 -6.60
N GLN A 422 -21.96 0.53 -5.63
CA GLN A 422 -22.24 -0.91 -5.50
C GLN A 422 -22.96 -1.42 -6.74
N ALA A 423 -23.78 -0.57 -7.38
CA ALA A 423 -24.46 -0.94 -8.59
C ALA A 423 -23.47 -1.03 -9.72
N GLU A 424 -22.59 -0.07 -9.79
CA GLU A 424 -21.56 -0.12 -10.77
C GLU A 424 -20.66 -1.36 -10.62
N ASN A 425 -20.44 -1.84 -9.42
CA ASN A 425 -19.66 -3.07 -9.20
C ASN A 425 -20.38 -4.30 -9.77
N LEU A 426 -21.72 -4.31 -9.73
CA LEU A 426 -22.53 -5.39 -10.29
C LEU A 426 -22.50 -5.32 -11.77
N ASN A 427 -22.46 -4.09 -12.27
CA ASN A 427 -22.37 -3.87 -13.69
C ASN A 427 -21.11 -4.38 -14.29
N TRP A 428 -20.00 -4.05 -13.64
CA TRP A 428 -18.67 -4.54 -14.07
C TRP A 428 -18.56 -6.08 -13.91
N LEU A 429 -18.97 -6.61 -12.76
CA LEU A 429 -18.94 -8.06 -12.58
C LEU A 429 -19.74 -8.76 -13.72
N HIS A 430 -20.90 -8.18 -14.09
CA HIS A 430 -21.74 -8.76 -15.12
C HIS A 430 -21.01 -8.74 -16.42
N TYR A 431 -20.31 -7.62 -16.65
CA TYR A 431 -19.53 -7.44 -17.88
C TYR A 431 -18.43 -8.51 -18.02
N LEU A 432 -17.72 -8.71 -16.94
CA LEU A 432 -16.67 -9.71 -16.95
C LEU A 432 -17.21 -11.11 -17.10
N MET A 433 -18.29 -11.42 -16.40
CA MET A 433 -18.81 -12.78 -16.48
C MET A 433 -19.51 -13.08 -17.82
N ASN A 434 -19.67 -12.09 -18.68
CA ASN A 434 -20.22 -12.25 -20.00
C ASN A 434 -19.41 -11.55 -21.03
N PHE A 435 -18.10 -11.45 -20.81
CA PHE A 435 -17.23 -10.64 -21.67
C PHE A 435 -17.24 -11.06 -23.14
N GLY A 436 -17.14 -12.35 -23.41
CA GLY A 436 -17.25 -12.88 -24.79
C GLY A 436 -18.60 -12.61 -25.43
N THR A 437 -19.68 -12.78 -24.67
CA THR A 437 -21.00 -12.61 -25.23
C THR A 437 -21.14 -11.14 -25.64
N ILE A 438 -20.79 -10.26 -24.73
CA ILE A 438 -20.92 -8.83 -24.91
C ILE A 438 -20.03 -8.30 -26.05
N THR A 439 -18.75 -8.64 -26.10
CA THR A 439 -17.86 -7.99 -27.04
C THR A 439 -17.84 -8.60 -28.45
N ALA A 440 -18.20 -9.87 -28.60
CA ALA A 440 -18.17 -10.50 -29.91
C ALA A 440 -19.22 -11.51 -30.12
N GLY A 441 -20.26 -11.60 -29.26
CA GLY A 441 -21.24 -12.67 -29.34
C GLY A 441 -20.67 -14.11 -29.20
N GLN A 442 -19.63 -14.29 -28.38
CA GLN A 442 -18.99 -15.59 -28.24
C GLN A 442 -19.24 -16.10 -26.84
N ASP A 443 -20.23 -16.99 -26.67
CA ASP A 443 -20.71 -17.47 -25.37
C ASP A 443 -19.82 -18.48 -24.69
N ASP A 444 -18.89 -19.03 -25.43
CA ASP A 444 -17.85 -19.86 -24.85
C ASP A 444 -16.57 -19.09 -24.47
N ALA A 445 -16.62 -17.74 -24.40
CA ALA A 445 -15.44 -16.90 -24.07
C ALA A 445 -15.74 -15.95 -22.89
N ASN A 446 -16.50 -16.46 -21.91
CA ASN A 446 -16.78 -15.72 -20.68
C ASN A 446 -16.02 -16.27 -19.49
N PHE A 447 -15.68 -15.41 -18.52
CA PHE A 447 -15.10 -15.89 -17.25
C PHE A 447 -16.19 -16.62 -16.46
N ASP A 448 -15.76 -17.56 -15.61
CA ASP A 448 -16.63 -18.44 -14.82
C ASP A 448 -16.66 -18.18 -13.33
N SER A 449 -15.55 -17.67 -12.80
CA SER A 449 -15.38 -17.44 -11.36
C SER A 449 -14.60 -16.17 -11.11
N ILE A 450 -14.48 -15.78 -9.85
CA ILE A 450 -13.70 -14.59 -9.52
C ILE A 450 -12.66 -14.80 -8.41
N ARG A 451 -11.68 -13.92 -8.44
CA ARG A 451 -10.84 -13.63 -7.30
C ARG A 451 -11.19 -12.23 -6.81
N ILE A 452 -11.51 -12.09 -5.51
CA ILE A 452 -11.73 -10.77 -4.95
C ILE A 452 -10.37 -10.28 -4.39
N ASP A 453 -9.75 -9.42 -5.19
CA ASP A 453 -8.55 -8.72 -4.83
C ASP A 453 -8.74 -7.82 -3.64
N ALA A 454 -7.76 -7.89 -2.71
CA ALA A 454 -7.77 -7.03 -1.51
C ALA A 454 -9.15 -6.95 -0.83
N VAL A 455 -9.68 -8.12 -0.57
CA VAL A 455 -11.03 -8.29 -0.04
C VAL A 455 -11.24 -7.55 1.26
N ASP A 456 -10.24 -7.52 2.14
CA ASP A 456 -10.42 -6.92 3.45
C ASP A 456 -10.37 -5.37 3.41
N PHE A 457 -10.08 -4.81 2.24
CA PHE A 457 -10.08 -3.35 2.02
C PHE A 457 -11.34 -2.78 1.32
N ILE A 458 -12.38 -3.61 1.16
CA ILE A 458 -13.61 -3.11 0.55
C ILE A 458 -14.77 -3.37 1.46
N HIS A 459 -15.81 -2.55 1.36
CA HIS A 459 -16.97 -2.69 2.26
C HIS A 459 -17.66 -4.08 2.11
N ASN A 460 -17.99 -4.70 3.24
CA ASN A 460 -18.67 -5.97 3.29
C ASN A 460 -19.97 -6.06 2.47
N ASP A 461 -20.72 -4.95 2.34
CA ASP A 461 -21.95 -4.96 1.60
C ASP A 461 -21.69 -5.30 0.16
N THR A 462 -20.62 -4.77 -0.41
CA THR A 462 -20.29 -5.07 -1.80
C THR A 462 -19.86 -6.55 -2.00
N ILE A 463 -19.17 -7.10 -1.01
CA ILE A 463 -18.78 -8.52 -1.04
C ILE A 463 -20.05 -9.39 -0.97
N GLN A 464 -20.90 -9.10 -0.01
CA GLN A 464 -22.10 -9.89 0.19
C GLN A 464 -22.95 -9.83 -1.06
N ARG A 465 -23.00 -8.67 -1.68
CA ARG A 465 -23.89 -8.47 -2.84
C ARG A 465 -23.32 -9.17 -4.06
N THR A 466 -21.99 -9.19 -4.12
CA THR A 466 -21.26 -9.92 -5.20
C THR A 466 -21.55 -11.41 -5.11
N TYR A 467 -21.49 -11.96 -3.90
CA TYR A 467 -21.85 -13.35 -3.72
C TYR A 467 -23.33 -13.69 -4.09
N ASP A 468 -24.27 -12.81 -3.73
CA ASP A 468 -25.64 -12.96 -4.17
C ASP A 468 -25.80 -12.91 -5.68
N TYR A 469 -25.02 -12.07 -6.37
CA TYR A 469 -24.99 -12.11 -7.82
C TYR A 469 -24.64 -13.52 -8.40
N LEU A 470 -23.61 -14.13 -7.85
CA LEU A 470 -23.16 -15.45 -8.33
C LEU A 470 -24.20 -16.53 -8.03
N ARG A 471 -24.82 -16.41 -6.87
CA ARG A 471 -25.93 -17.18 -6.51
C ARG A 471 -27.09 -17.03 -7.54
N ASP A 472 -27.48 -15.81 -7.91
CA ASP A 472 -28.58 -15.62 -8.84
C ASP A 472 -28.20 -16.12 -10.22
N ALA A 473 -26.95 -15.89 -10.64
CA ALA A 473 -26.56 -16.22 -12.00
C ALA A 473 -26.18 -17.66 -12.21
N TYR A 474 -25.65 -18.35 -11.19
CA TYR A 474 -25.18 -19.70 -11.40
C TYR A 474 -25.78 -20.73 -10.45
N GLN A 475 -26.66 -20.33 -9.53
CA GLN A 475 -27.21 -21.23 -8.55
C GLN A 475 -26.14 -22.04 -7.77
N VAL A 476 -25.01 -21.41 -7.48
CA VAL A 476 -23.93 -22.11 -6.80
C VAL A 476 -24.36 -22.74 -5.47
N GLN A 477 -25.34 -22.14 -4.79
CA GLN A 477 -25.81 -22.65 -3.49
C GLN A 477 -26.63 -23.95 -3.61
N GLN A 478 -27.03 -24.34 -4.81
CA GLN A 478 -27.97 -25.44 -4.97
C GLN A 478 -27.33 -26.79 -4.68
N SER A 479 -26.09 -27.00 -5.11
CA SER A 479 -25.44 -28.29 -4.98
C SER A 479 -23.96 -28.15 -5.25
N GLU A 480 -23.19 -29.14 -4.91
CA GLU A 480 -21.74 -29.07 -5.22
C GLU A 480 -21.46 -29.04 -6.74
N ALA A 481 -22.36 -29.62 -7.54
CA ALA A 481 -22.11 -29.63 -8.95
C ALA A 481 -22.14 -28.21 -9.48
N LYS A 482 -23.07 -27.38 -9.03
CA LYS A 482 -23.06 -25.94 -9.44
C LYS A 482 -21.94 -25.15 -8.79
N ALA A 483 -21.71 -25.35 -7.52
CA ALA A 483 -20.67 -24.59 -6.81
C ALA A 483 -19.30 -24.86 -7.39
N ASN A 484 -19.01 -26.13 -7.64
CA ASN A 484 -17.68 -26.54 -8.16
C ASN A 484 -17.41 -26.20 -9.64
N GLN A 485 -18.42 -25.71 -10.32
CA GLN A 485 -18.24 -25.08 -11.62
C GLN A 485 -17.84 -23.64 -11.58
N HIS A 486 -17.86 -23.06 -10.38
CA HIS A 486 -17.57 -21.59 -10.22
C HIS A 486 -16.81 -21.35 -8.95
N ILE A 487 -15.61 -21.87 -8.86
CA ILE A 487 -14.89 -21.89 -7.62
C ILE A 487 -14.18 -20.56 -7.54
N SER A 488 -14.64 -19.71 -6.64
CA SER A 488 -14.12 -18.37 -6.48
C SER A 488 -13.20 -18.35 -5.24
N LEU A 489 -12.36 -17.35 -5.11
CA LEU A 489 -11.47 -17.24 -3.97
C LEU A 489 -11.14 -15.80 -3.63
N VAL A 490 -10.57 -15.57 -2.45
CA VAL A 490 -10.25 -14.23 -1.98
C VAL A 490 -8.84 -14.20 -1.42
N GLU A 491 -8.29 -13.01 -1.40
CA GLU A 491 -6.96 -12.74 -0.88
C GLU A 491 -6.98 -12.46 0.63
N ALA A 492 -7.20 -13.51 1.43
CA ALA A 492 -7.22 -13.42 2.88
C ALA A 492 -7.41 -14.82 3.46
N GLY A 493 -7.26 -14.94 4.79
CA GLY A 493 -7.55 -16.14 5.53
C GLY A 493 -8.92 -16.06 6.18
N LEU A 494 -9.04 -16.65 7.36
CA LEU A 494 -10.28 -16.61 8.12
C LEU A 494 -10.85 -15.20 8.44
N ASP A 495 -10.02 -14.19 8.38
CA ASP A 495 -10.42 -12.79 8.61
CA ASP A 495 -10.49 -12.83 8.67
C ASP A 495 -11.47 -12.28 7.60
N ALA A 496 -11.70 -13.01 6.49
CA ALA A 496 -12.62 -12.57 5.48
C ALA A 496 -13.97 -13.18 5.85
N GLY A 497 -14.58 -12.57 6.83
CA GLY A 497 -15.77 -13.14 7.47
C GLY A 497 -17.01 -13.20 6.60
N THR A 498 -17.09 -12.31 5.61
CA THR A 498 -18.19 -12.42 4.62
C THR A 498 -17.99 -13.58 3.64
N SER A 499 -16.74 -14.07 3.55
CA SER A 499 -16.40 -15.18 2.63
C SER A 499 -16.48 -16.53 3.33
N THR A 500 -16.31 -16.58 4.63
CA THR A 500 -16.39 -17.84 5.31
C THR A 500 -17.79 -18.15 5.93
N ILE A 501 -18.62 -17.13 6.16
CA ILE A 501 -19.88 -17.36 6.88
C ILE A 501 -20.74 -18.41 6.15
N HIS A 502 -20.85 -18.36 4.81
CA HIS A 502 -21.53 -19.42 4.05
C HIS A 502 -20.55 -20.11 3.04
N ASN A 503 -19.24 -19.97 3.26
CA ASN A 503 -18.20 -20.52 2.35
C ASN A 503 -18.51 -20.27 0.90
N ASP A 504 -18.81 -19.00 0.61
CA ASP A 504 -19.00 -18.57 -0.76
C ASP A 504 -17.74 -18.64 -1.60
N ALA A 505 -16.57 -18.60 -0.96
CA ALA A 505 -15.34 -18.65 -1.70
C ALA A 505 -14.26 -19.26 -0.87
N LEU A 506 -13.17 -19.67 -1.53
CA LEU A 506 -12.04 -20.23 -0.79
C LEU A 506 -11.25 -19.10 -0.10
N ILE A 507 -10.85 -19.33 1.12
CA ILE A 507 -9.85 -18.55 1.81
C ILE A 507 -8.48 -19.22 1.73
N GLU A 508 -7.40 -18.46 1.92
CA GLU A 508 -6.08 -19.02 1.99
C GLU A 508 -5.82 -19.74 3.31
N SER A 509 -5.32 -20.97 3.21
CA SER A 509 -4.90 -21.76 4.32
C SER A 509 -3.65 -21.19 4.90
N ASN A 510 -3.23 -21.75 6.02
CA ASN A 510 -2.07 -21.24 6.74
C ASN A 510 -0.78 -21.97 6.29
N LEU A 511 -0.85 -22.78 5.24
CA LEU A 511 0.28 -23.58 4.80
C LEU A 511 1.46 -22.72 4.42
N ARG A 512 1.21 -21.65 3.65
CA ARG A 512 2.29 -20.80 3.26
C ARG A 512 3.08 -20.25 4.50
N GLU A 513 2.36 -19.71 5.47
CA GLU A 513 3.01 -19.15 6.68
C GLU A 513 3.72 -20.27 7.46
N ALA A 514 3.08 -21.44 7.58
CA ALA A 514 3.69 -22.52 8.34
C ALA A 514 4.96 -23.02 7.69
N ALA A 515 4.95 -23.22 6.37
CA ALA A 515 6.15 -23.66 5.66
C ALA A 515 7.25 -22.61 5.73
N THR A 516 6.88 -21.32 5.78
CA THR A 516 7.85 -20.25 5.99
C THR A 516 8.59 -20.36 7.34
N LEU A 517 7.99 -21.05 8.33
CA LEU A 517 8.65 -21.23 9.58
C LEU A 517 9.51 -22.46 9.63
N SER A 518 9.14 -23.54 8.94
CA SER A 518 9.79 -24.81 9.14
C SER A 518 10.46 -25.38 7.90
N LEU A 519 10.28 -24.79 6.71
CA LEU A 519 10.89 -25.35 5.50
C LEU A 519 11.66 -24.38 4.63
N THR A 520 11.16 -23.15 4.43
CA THR A 520 11.82 -22.26 3.44
C THR A 520 13.16 -21.63 3.89
N ASN A 521 13.53 -21.76 5.16
CA ASN A 521 14.76 -21.10 5.68
C ASN A 521 16.01 -21.94 5.46
N GLU A 522 17.17 -21.30 5.60
CA GLU A 522 18.46 -21.94 5.36
C GLU A 522 18.73 -22.90 6.49
N PRO A 523 19.67 -23.84 6.33
CA PRO A 523 20.00 -24.76 7.45
C PRO A 523 20.30 -24.07 8.81
N GLY A 524 19.62 -24.53 9.84
CA GLY A 524 19.79 -23.99 11.18
C GLY A 524 18.76 -22.92 11.53
N LYS A 525 17.95 -22.47 10.54
CA LYS A 525 16.87 -21.50 10.78
C LYS A 525 15.44 -22.00 10.63
N ASN A 526 15.27 -23.31 10.49
CA ASN A 526 13.93 -23.89 10.40
C ASN A 526 13.47 -24.46 11.74
N LYS A 527 12.21 -24.22 12.08
CA LYS A 527 11.55 -24.82 13.21
C LYS A 527 11.21 -26.29 12.90
N PRO A 528 10.92 -27.11 13.91
CA PRO A 528 10.51 -28.49 13.59
C PRO A 528 9.21 -28.60 12.72
N LEU A 529 9.07 -29.74 12.06
CA LEU A 529 7.98 -30.01 11.11
C LEU A 529 6.64 -30.28 11.80
N THR A 530 6.65 -30.35 13.13
CA THR A 530 5.41 -30.54 13.85
C THR A 530 4.42 -29.43 13.59
N ASN A 531 4.87 -28.28 13.07
CA ASN A 531 3.92 -27.24 12.75
C ASN A 531 3.14 -27.50 11.45
N MET A 532 3.45 -28.59 10.75
CA MET A 532 2.79 -28.95 9.49
C MET A 532 1.66 -29.93 9.69
N LEU A 533 1.47 -30.43 10.92
CA LEU A 533 0.42 -31.44 11.23
C LEU A 533 -1.02 -30.91 11.22
N GLN A 534 -1.19 -29.69 11.66
CA GLN A 534 -2.47 -29.02 11.58
C GLN A 534 -2.32 -27.74 10.79
N ASP A 535 -3.38 -27.37 10.11
CA ASP A 535 -3.48 -26.09 9.42
C ASP A 535 -4.33 -25.14 10.32
N VAL A 536 -3.66 -24.18 10.96
CA VAL A 536 -4.25 -23.32 12.01
CA VAL A 536 -4.31 -23.30 11.95
C VAL A 536 -4.03 -21.84 11.63
N ASP A 537 -5.06 -21.01 11.74
CA ASP A 537 -4.98 -19.55 11.41
C ASP A 537 -5.25 -18.79 12.73
N GLY A 538 -4.22 -18.13 13.26
CA GLY A 538 -4.23 -17.55 14.62
C GLY A 538 -4.91 -18.42 15.69
N GLY A 539 -4.51 -19.67 15.77
CA GLY A 539 -5.12 -20.60 16.73
C GLY A 539 -6.47 -21.26 16.36
N THR A 540 -7.09 -20.88 15.24
CA THR A 540 -8.32 -21.53 14.80
C THR A 540 -7.98 -22.54 13.69
N LEU A 541 -8.52 -23.73 13.88
CA LEU A 541 -8.20 -24.89 13.07
C LEU A 541 -8.92 -24.82 11.72
N ILE A 542 -8.15 -24.95 10.64
CA ILE A 542 -8.73 -24.97 9.29
C ILE A 542 -8.99 -26.44 8.92
N THR A 543 -7.97 -27.26 9.11
CA THR A 543 -8.06 -28.72 8.94
C THR A 543 -6.88 -29.37 9.65
N ASP A 544 -7.12 -30.57 10.15
CA ASP A 544 -6.10 -31.34 10.85
C ASP A 544 -5.73 -32.51 9.92
N HIS A 545 -4.42 -32.68 9.68
CA HIS A 545 -3.92 -33.74 8.82
C HIS A 545 -3.61 -35.08 9.54
N THR A 546 -3.54 -35.06 10.87
CA THR A 546 -3.00 -36.12 11.70
CA THR A 546 -2.96 -36.14 11.64
C THR A 546 -3.73 -37.45 11.50
N GLN A 547 -5.03 -37.35 11.46
CA GLN A 547 -5.86 -38.50 11.37
C GLN A 547 -7.18 -38.07 10.72
N ASN A 548 -7.12 -37.69 9.46
CA ASN A 548 -8.24 -37.07 8.81
C ASN A 548 -9.09 -38.10 8.04
N SER A 549 -10.24 -38.49 8.60
CA SER A 549 -11.08 -39.53 8.00
C SER A 549 -12.49 -39.05 7.74
N THR A 550 -12.71 -37.73 7.78
CA THR A 550 -14.07 -37.15 7.70
C THR A 550 -14.15 -36.37 6.43
N GLU A 551 -15.34 -35.89 6.12
CA GLU A 551 -15.54 -34.98 5.01
C GLU A 551 -16.48 -33.84 5.41
N ASN A 552 -16.42 -32.72 4.71
CA ASN A 552 -17.31 -31.58 4.96
C ASN A 552 -17.16 -30.96 6.36
N GLN A 553 -15.97 -31.11 6.99
CA GLN A 553 -15.63 -30.47 8.23
C GLN A 553 -14.77 -29.23 8.03
N ALA A 554 -13.69 -29.36 7.25
CA ALA A 554 -12.73 -28.29 7.07
C ALA A 554 -13.33 -27.08 6.42
N THR A 555 -12.74 -25.94 6.68
CA THR A 555 -13.10 -24.71 5.97
C THR A 555 -12.52 -24.76 4.54
N PRO A 556 -13.36 -24.69 3.51
CA PRO A 556 -12.86 -24.75 2.16
C PRO A 556 -11.81 -23.69 1.92
N ASN A 557 -10.67 -24.09 1.43
CA ASN A 557 -9.48 -23.27 1.40
C ASN A 557 -8.56 -23.60 0.19
N TYR A 558 -7.66 -22.68 -0.17
CA TYR A 558 -6.57 -22.94 -1.04
C TYR A 558 -5.23 -22.87 -0.35
N SER A 559 -4.29 -23.70 -0.80
CA SER A 559 -2.92 -23.75 -0.21
C SER A 559 -1.92 -23.33 -1.29
N ILE A 560 -1.00 -22.44 -0.93
CA ILE A 560 0.05 -21.96 -1.79
C ILE A 560 1.35 -21.83 -0.96
N ILE A 561 2.47 -21.63 -1.65
CA ILE A 561 3.71 -21.20 -1.08
C ILE A 561 4.13 -19.81 -1.66
N HIS A 562 4.00 -19.65 -2.96
CA HIS A 562 4.26 -18.37 -3.63
C HIS A 562 3.07 -17.92 -4.41
N ALA A 563 3.10 -16.63 -4.69
CA ALA A 563 2.11 -16.02 -5.58
C ALA A 563 2.75 -14.84 -6.27
N HIS A 564 2.04 -14.20 -7.20
CA HIS A 564 2.61 -13.07 -7.90
C HIS A 564 3.12 -11.97 -6.90
N ASP A 565 2.41 -11.81 -5.79
CA ASP A 565 2.77 -10.91 -4.69
C ASP A 565 2.93 -11.54 -3.25
N LYS A 566 3.28 -12.80 -3.14
CA LYS A 566 3.51 -13.42 -1.85
C LYS A 566 4.82 -14.12 -1.98
N GLY A 567 5.81 -13.60 -1.26
CA GLY A 567 7.11 -14.19 -1.17
C GLY A 567 7.95 -14.12 -2.41
N VAL A 568 7.76 -13.09 -3.19
CA VAL A 568 8.42 -12.92 -4.47
C VAL A 568 9.07 -11.54 -4.58
N GLN A 569 8.33 -10.43 -4.48
CA GLN A 569 8.93 -9.08 -4.72
CA GLN A 569 8.93 -9.08 -4.72
C GLN A 569 10.16 -8.79 -3.91
N GLU A 570 10.03 -9.02 -2.62
CA GLU A 570 11.07 -8.66 -1.69
C GLU A 570 12.38 -9.36 -2.11
N LYS A 571 12.30 -10.61 -2.54
CA LYS A 571 13.48 -11.35 -2.88
C LYS A 571 14.03 -10.92 -4.23
N VAL A 572 13.14 -10.68 -5.19
CA VAL A 572 13.63 -10.13 -6.47
C VAL A 572 14.25 -8.72 -6.26
N GLY A 573 13.72 -7.93 -5.34
CA GLY A 573 14.30 -6.61 -4.98
C GLY A 573 15.67 -6.72 -4.36
N ALA A 574 15.86 -7.62 -3.40
CA ALA A 574 17.24 -7.84 -2.90
C ALA A 574 18.20 -8.25 -4.01
N ALA A 575 17.74 -9.03 -4.99
CA ALA A 575 18.63 -9.42 -6.07
C ALA A 575 19.04 -8.20 -6.93
N ILE A 576 18.06 -7.36 -7.26
CA ILE A 576 18.34 -6.18 -8.04
C ILE A 576 19.43 -5.30 -7.37
N THR A 577 19.27 -5.11 -6.06
CA THR A 577 20.14 -4.26 -5.32
C THR A 577 21.58 -4.79 -5.34
N ASP A 578 21.86 -6.03 -4.92
CA ASP A 578 23.27 -6.56 -5.10
C ASP A 578 23.80 -6.48 -6.54
N ALA A 579 22.91 -6.50 -7.53
CA ALA A 579 23.29 -6.60 -8.94
C ALA A 579 23.65 -5.25 -9.54
N THR A 580 22.89 -4.23 -9.16
CA THR A 580 22.94 -2.93 -9.81
C THR A 580 23.23 -1.79 -8.83
N GLY A 581 22.64 -1.85 -7.63
CA GLY A 581 22.59 -0.70 -6.73
C GLY A 581 21.19 -0.13 -6.60
N ALA A 582 20.35 -0.28 -7.62
CA ALA A 582 18.94 0.19 -7.54
C ALA A 582 18.01 -0.66 -6.63
N ASP A 583 16.80 -0.13 -6.43
CA ASP A 583 15.75 -0.80 -5.70
C ASP A 583 14.42 -0.28 -6.24
N TRP A 584 13.32 -0.78 -5.69
CA TRP A 584 11.98 -0.51 -6.20
C TRP A 584 11.62 0.95 -6.41
N THR A 585 12.23 1.82 -5.61
CA THR A 585 12.01 3.27 -5.68
C THR A 585 12.71 3.96 -6.85
N ASN A 586 13.63 3.28 -7.55
CA ASN A 586 14.44 3.91 -8.65
C ASN A 586 14.88 3.04 -9.85
N PHE A 587 14.37 1.81 -9.96
CA PHE A 587 14.91 0.84 -10.90
C PHE A 587 14.42 1.01 -12.32
N THR A 588 15.33 0.77 -13.29
CA THR A 588 14.97 0.68 -14.73
C THR A 588 14.78 -0.75 -15.30
N ASP A 589 14.11 -0.84 -16.46
CA ASP A 589 13.93 -2.10 -17.19
C ASP A 589 15.22 -2.99 -17.43
N GLU A 590 16.35 -2.35 -17.73
CA GLU A 590 17.62 -3.03 -17.81
C GLU A 590 18.07 -3.56 -16.43
N GLN A 591 17.75 -2.83 -15.37
CA GLN A 591 18.15 -3.23 -14.04
C GLN A 591 17.32 -4.42 -13.51
N LEU A 592 16.06 -4.49 -13.95
CA LEU A 592 15.19 -5.61 -13.64
C LEU A 592 15.75 -6.86 -14.25
N LYS A 593 16.07 -6.78 -15.52
CA LYS A 593 16.64 -7.88 -16.24
C LYS A 593 17.97 -8.34 -15.53
N ALA A 594 18.75 -7.37 -15.09
CA ALA A 594 20.01 -7.68 -14.47
C ALA A 594 19.76 -8.34 -13.12
N GLY A 595 18.92 -7.75 -12.31
CA GLY A 595 18.42 -8.40 -11.08
C GLY A 595 17.78 -9.80 -11.25
N LEU A 596 17.04 -10.02 -12.34
CA LEU A 596 16.47 -11.32 -12.58
C LEU A 596 17.56 -12.36 -12.89
N GLU A 597 18.62 -11.96 -13.58
CA GLU A 597 19.76 -12.89 -13.84
C GLU A 597 20.42 -13.34 -12.52
N LEU A 598 20.72 -12.41 -11.65
CA LEU A 598 21.21 -12.79 -10.39
C LEU A 598 20.17 -13.62 -9.62
N PHE A 599 18.89 -13.28 -9.73
CA PHE A 599 17.83 -14.00 -8.99
C PHE A 599 17.79 -15.51 -9.31
N TYR A 600 17.81 -15.83 -10.59
CA TYR A 600 17.76 -17.24 -11.01
C TYR A 600 19.06 -17.99 -10.82
N LYS A 601 20.18 -17.29 -10.95
CA LYS A 601 21.47 -17.88 -10.60
C LYS A 601 21.45 -18.30 -9.12
N ASP A 602 20.97 -17.43 -8.23
CA ASP A 602 20.85 -17.75 -6.81
C ASP A 602 19.91 -18.98 -6.60
N GLN A 603 18.79 -18.99 -7.35
CA GLN A 603 17.71 -19.96 -7.19
C GLN A 603 18.24 -21.35 -7.55
N ARG A 604 19.08 -21.40 -8.57
CA ARG A 604 19.72 -22.65 -8.98
C ARG A 604 20.87 -23.15 -8.10
N ALA A 605 21.25 -22.45 -7.02
CA ALA A 605 22.36 -22.94 -6.18
C ALA A 605 21.81 -23.58 -4.94
N THR A 606 22.70 -24.31 -4.26
CA THR A 606 22.38 -24.92 -2.95
C THR A 606 22.23 -23.90 -1.86
N ASN A 607 23.18 -22.98 -1.86
CA ASN A 607 23.23 -21.93 -0.86
C ASN A 607 22.49 -20.77 -1.46
N LYS A 608 21.39 -20.32 -0.87
CA LYS A 608 20.50 -19.39 -1.52
C LYS A 608 20.51 -18.14 -0.70
N LYS A 609 21.05 -17.08 -1.26
CA LYS A 609 21.01 -15.77 -0.62
C LYS A 609 19.59 -15.10 -0.63
N TYR A 610 18.83 -15.26 -1.69
CA TYR A 610 17.51 -14.61 -1.82
C TYR A 610 16.35 -15.55 -2.01
N ASN A 611 16.54 -16.86 -2.16
CA ASN A 611 15.44 -17.77 -2.59
C ASN A 611 15.04 -18.75 -1.49
N SER A 612 13.79 -19.20 -1.55
CA SER A 612 13.28 -20.18 -0.57
C SER A 612 13.94 -21.57 -0.70
N TYR A 613 14.13 -22.20 0.43
CA TYR A 613 14.58 -23.56 0.45
C TYR A 613 13.36 -24.51 0.37
N ASN A 614 13.62 -25.72 -0.06
CA ASN A 614 12.70 -26.86 0.02
C ASN A 614 11.37 -26.67 -0.74
N ILE A 615 11.44 -26.08 -1.91
CA ILE A 615 10.24 -25.77 -2.65
C ILE A 615 9.52 -27.03 -3.15
N PRO A 616 10.25 -28.00 -3.68
CA PRO A 616 9.58 -29.23 -4.09
C PRO A 616 8.90 -29.93 -2.96
N SER A 617 9.54 -29.93 -1.77
CA SER A 617 8.98 -30.60 -0.64
C SER A 617 7.68 -29.90 -0.22
N ILE A 618 7.66 -28.59 -0.32
CA ILE A 618 6.44 -27.83 0.03
C ILE A 618 5.32 -28.09 -0.95
N TYR A 619 5.64 -28.15 -2.21
CA TYR A 619 4.66 -28.52 -3.19
C TYR A 619 4.17 -29.96 -2.96
N ALA A 620 5.07 -30.84 -2.49
CA ALA A 620 4.61 -32.22 -2.25
C ALA A 620 3.52 -32.25 -1.18
N LEU A 621 3.69 -31.37 -0.17
CA LEU A 621 2.65 -31.22 0.86
C LEU A 621 1.38 -30.65 0.27
N MET A 622 1.52 -29.56 -0.51
CA MET A 622 0.37 -28.91 -1.08
C MET A 622 -0.50 -29.92 -1.91
N LEU A 623 0.18 -30.75 -2.67
CA LEU A 623 -0.41 -31.62 -3.71
C LEU A 623 -0.85 -32.96 -3.19
N THR A 624 -0.54 -33.26 -1.92
CA THR A 624 -0.97 -34.49 -1.29
C THR A 624 -1.84 -34.31 -0.08
N ASN A 625 -1.86 -33.14 0.54
CA ASN A 625 -2.76 -32.90 1.69
C ASN A 625 -4.22 -33.00 1.33
N LYS A 626 -5.01 -33.55 2.26
CA LYS A 626 -6.46 -33.64 2.12
C LYS A 626 -7.09 -32.32 2.57
N ASP A 627 -8.30 -32.03 2.08
CA ASP A 627 -9.09 -30.84 2.44
C ASP A 627 -8.42 -29.48 2.06
N THR A 628 -7.99 -29.40 0.81
CA THR A 628 -7.50 -28.16 0.22
C THR A 628 -7.60 -28.22 -1.27
N VAL A 629 -7.77 -27.05 -1.88
CA VAL A 629 -7.52 -26.93 -3.30
C VAL A 629 -6.17 -26.23 -3.47
N PRO A 630 -5.16 -26.92 -3.99
CA PRO A 630 -3.85 -26.30 -4.20
C PRO A 630 -3.87 -25.34 -5.34
N ARG A 631 -3.03 -24.32 -5.28
CA ARG A 631 -2.81 -23.43 -6.36
C ARG A 631 -1.32 -23.39 -6.71
N MET A 632 -0.99 -23.84 -7.93
CA MET A 632 0.35 -23.76 -8.53
C MET A 632 0.66 -22.29 -8.87
N TYR A 633 1.90 -21.83 -8.67
CA TYR A 633 2.30 -20.50 -9.12
C TYR A 633 3.16 -20.63 -10.40
N TYR A 634 2.84 -19.88 -11.46
CA TYR A 634 3.60 -19.83 -12.69
C TYR A 634 5.15 -19.73 -12.43
N GLY A 635 5.51 -18.82 -11.51
CA GLY A 635 6.88 -18.50 -11.22
C GLY A 635 7.67 -19.64 -10.60
N ASP A 636 7.00 -20.65 -10.04
CA ASP A 636 7.69 -21.79 -9.53
C ASP A 636 7.98 -22.80 -10.62
N MET A 637 7.37 -22.63 -11.77
CA MET A 637 7.57 -23.51 -12.91
C MET A 637 8.41 -22.96 -14.03
N TYR A 638 8.39 -21.63 -14.19
CA TYR A 638 9.05 -20.93 -15.26
C TYR A 638 9.72 -19.67 -14.72
N GLN A 639 10.72 -19.22 -15.45
CA GLN A 639 11.60 -18.13 -15.01
C GLN A 639 11.35 -16.88 -15.82
N ASP A 640 11.31 -15.74 -15.15
CA ASP A 640 11.15 -14.46 -15.79
C ASP A 640 12.35 -13.88 -16.56
N ASP A 641 13.45 -14.64 -16.67
CA ASP A 641 14.56 -14.21 -17.55
C ASP A 641 14.28 -14.65 -18.98
N GLY A 642 13.11 -15.27 -19.17
CA GLY A 642 12.59 -15.46 -20.51
C GLY A 642 11.13 -15.07 -20.64
N GLN A 643 10.68 -15.13 -21.88
CA GLN A 643 9.32 -14.83 -22.27
C GLN A 643 8.37 -15.90 -21.71
N TYR A 644 7.07 -15.64 -21.79
CA TYR A 644 6.12 -16.55 -21.16
C TYR A 644 6.33 -18.04 -21.52
N MET A 645 6.52 -18.84 -20.50
CA MET A 645 6.71 -20.29 -20.64
C MET A 645 7.98 -20.70 -21.41
N ALA A 646 8.92 -19.79 -21.68
CA ALA A 646 10.15 -20.13 -22.42
C ALA A 646 11.19 -20.82 -21.56
N ASN A 647 11.39 -20.35 -20.35
CA ASN A 647 12.44 -20.93 -19.52
C ASN A 647 11.95 -21.68 -18.27
N LYS A 648 12.12 -23.00 -18.26
CA LYS A 648 11.69 -23.81 -17.16
C LYS A 648 12.55 -23.57 -15.94
N SER A 649 11.90 -23.53 -14.77
CA SER A 649 12.61 -23.42 -13.54
C SER A 649 13.29 -24.74 -13.21
N ILE A 650 14.21 -24.70 -12.29
CA ILE A 650 14.87 -25.91 -11.80
C ILE A 650 13.88 -26.88 -11.13
N TYR A 651 12.72 -26.38 -10.71
CA TYR A 651 11.75 -27.20 -9.96
C TYR A 651 10.73 -27.86 -10.89
N TYR A 652 10.76 -27.56 -12.19
CA TYR A 652 9.75 -27.97 -13.17
C TYR A 652 9.43 -29.47 -13.15
N ASP A 653 10.45 -30.33 -13.25
CA ASP A 653 10.22 -31.80 -13.37
C ASP A 653 9.59 -32.34 -12.11
N ALA A 654 10.04 -31.84 -10.97
CA ALA A 654 9.46 -32.32 -9.75
C ALA A 654 7.97 -31.92 -9.60
N LEU A 655 7.62 -30.69 -9.94
CA LEU A 655 6.23 -30.28 -9.79
C LEU A 655 5.34 -30.92 -10.86
N VAL A 656 5.87 -31.15 -12.06
CA VAL A 656 5.13 -31.98 -13.05
C VAL A 656 4.83 -33.37 -12.47
N SER A 657 5.86 -33.98 -11.86
CA SER A 657 5.74 -35.33 -11.37
C SER A 657 4.73 -35.41 -10.22
N LEU A 658 4.73 -34.37 -9.40
CA LEU A 658 3.80 -34.30 -8.27
C LEU A 658 2.38 -34.08 -8.72
N MET A 659 2.14 -33.24 -9.71
CA MET A 659 0.77 -33.02 -10.26
C MET A 659 0.24 -34.30 -10.94
N THR A 660 1.13 -34.98 -11.62
CA THR A 660 0.80 -36.19 -12.41
C THR A 660 0.38 -37.25 -11.38
N ALA A 661 1.16 -37.36 -10.31
CA ALA A 661 0.82 -38.39 -9.34
C ALA A 661 -0.41 -38.03 -8.50
N ARG A 662 -0.64 -36.74 -8.28
CA ARG A 662 -1.85 -36.35 -7.59
C ARG A 662 -3.07 -36.80 -8.36
N LYS A 663 -3.13 -36.52 -9.65
CA LYS A 663 -4.25 -36.90 -10.50
C LYS A 663 -4.51 -38.41 -10.50
N SER A 664 -3.44 -39.17 -10.67
CA SER A 664 -3.50 -40.62 -10.70
C SER A 664 -3.73 -41.31 -9.37
N TYR A 665 -3.24 -40.78 -8.25
CA TYR A 665 -3.23 -41.58 -7.03
C TYR A 665 -3.95 -40.98 -5.79
N VAL A 666 -4.05 -39.66 -5.69
CA VAL A 666 -4.39 -39.04 -4.41
C VAL A 666 -5.89 -39.01 -4.19
N SER A 667 -6.30 -39.78 -3.20
CA SER A 667 -7.67 -39.80 -2.75
C SER A 667 -7.71 -40.50 -1.40
N GLY A 668 -8.88 -40.43 -0.81
CA GLY A 668 -9.12 -41.06 0.49
C GLY A 668 -8.68 -40.28 1.70
N GLY A 669 -8.60 -40.98 2.83
CA GLY A 669 -8.20 -40.34 4.08
C GLY A 669 -6.75 -39.93 4.13
N GLN A 670 -6.35 -39.32 5.26
CA GLN A 670 -4.96 -38.94 5.51
C GLN A 670 -4.54 -39.21 6.90
N THR A 671 -3.27 -39.57 7.08
CA THR A 671 -2.64 -39.52 8.34
C THR A 671 -1.35 -38.76 8.16
N MET A 672 -0.89 -38.19 9.26
CA MET A 672 0.40 -37.52 9.25
C MET A 672 0.98 -37.50 10.65
N SER A 673 2.28 -37.73 10.75
CA SER A 673 2.95 -37.65 12.03
C SER A 673 4.38 -37.25 11.79
N VAL A 674 5.08 -36.85 12.87
CA VAL A 674 6.52 -36.57 12.82
C VAL A 674 7.18 -37.58 13.72
N ASP A 675 8.23 -38.24 13.22
CA ASP A 675 8.82 -39.32 13.99
C ASP A 675 9.98 -38.79 14.86
N ASN A 676 10.60 -39.72 15.58
CA ASN A 676 11.70 -39.41 16.49
C ASN A 676 12.95 -38.91 15.77
N HIS A 677 13.05 -39.03 14.45
CA HIS A 677 14.14 -38.36 13.68
C HIS A 677 13.77 -37.01 13.07
N GLY A 678 12.63 -36.45 13.43
CA GLY A 678 12.22 -35.21 12.82
C GLY A 678 11.56 -35.31 11.43
N LEU A 679 11.28 -36.52 10.95
CA LEU A 679 10.76 -36.71 9.59
C LEU A 679 9.26 -36.70 9.62
N LEU A 680 8.69 -35.95 8.70
CA LEU A 680 7.27 -35.85 8.51
C LEU A 680 6.83 -37.01 7.60
N LYS A 681 5.85 -37.81 8.06
CA LYS A 681 5.34 -38.97 7.29
C LYS A 681 3.83 -38.74 6.95
N SER A 682 3.50 -38.64 5.66
CA SER A 682 2.13 -38.35 5.24
C SER A 682 1.65 -39.46 4.33
N VAL A 683 0.49 -40.02 4.62
CA VAL A 683 -0.14 -41.05 3.82
C VAL A 683 -1.55 -40.68 3.32
N ARG A 684 -1.85 -40.93 2.03
CA ARG A 684 -3.25 -40.97 1.53
C ARG A 684 -3.58 -42.46 1.21
N PHE A 685 -4.75 -42.93 1.68
CA PHE A 685 -5.14 -44.33 1.54
C PHE A 685 -5.70 -44.75 0.18
N GLY A 686 -6.26 -43.79 -0.54
CA GLY A 686 -6.86 -44.05 -1.84
C GLY A 686 -8.37 -44.04 -1.80
N LYS A 687 -8.99 -44.06 -2.97
CA LYS A 687 -10.43 -43.92 -3.07
C LYS A 687 -11.22 -44.84 -2.07
N ASP A 688 -12.11 -44.24 -1.28
CA ASP A 688 -13.09 -44.96 -0.45
C ASP A 688 -12.50 -45.58 0.76
N ALA A 689 -11.25 -45.22 1.10
CA ALA A 689 -10.64 -45.64 2.35
C ALA A 689 -10.35 -44.40 3.14
N MET A 690 -11.12 -44.20 4.22
CA MET A 690 -11.04 -43.02 5.08
C MET A 690 -10.06 -43.24 6.20
N THR A 691 -10.00 -44.46 6.74
CA THR A 691 -9.04 -44.79 7.80
C THR A 691 -7.99 -45.79 7.35
N ALA A 692 -6.98 -45.96 8.17
CA ALA A 692 -5.90 -46.93 7.99
C ALA A 692 -6.40 -48.38 8.09
N ASN A 693 -7.45 -48.58 8.87
CA ASN A 693 -8.03 -49.89 9.11
C ASN A 693 -9.08 -50.24 8.08
N ASP A 694 -9.45 -49.31 7.19
CA ASP A 694 -10.47 -49.59 6.17
C ASP A 694 -9.87 -50.54 5.19
N LEU A 695 -10.57 -51.68 4.97
CA LEU A 695 -10.19 -52.65 3.92
C LEU A 695 -10.38 -52.08 2.52
N GLY A 696 -11.12 -50.98 2.39
CA GLY A 696 -11.28 -50.29 1.12
C GLY A 696 -11.97 -51.15 0.10
N THR A 697 -12.00 -50.67 -1.14
CA THR A 697 -12.63 -51.37 -2.26
C THR A 697 -11.61 -51.68 -3.37
N SER A 698 -12.01 -52.21 -4.53
CA SER A 698 -11.01 -52.72 -5.50
C SER A 698 -10.26 -51.57 -6.19
N ALA A 699 -10.93 -50.42 -6.31
CA ALA A 699 -10.30 -49.19 -6.81
C ALA A 699 -9.08 -48.73 -5.92
N THR A 700 -9.22 -48.95 -4.63
CA THR A 700 -8.25 -48.52 -3.63
C THR A 700 -6.83 -49.10 -3.76
N ARG A 701 -6.71 -50.38 -4.17
CA ARG A 701 -5.48 -51.11 -4.16
C ARG A 701 -4.33 -50.37 -4.86
N THR A 702 -4.55 -49.81 -6.03
CA THR A 702 -3.53 -49.07 -6.72
C THR A 702 -3.64 -47.54 -6.64
N GLU A 703 -4.24 -47.03 -5.56
CA GLU A 703 -4.29 -45.58 -5.27
C GLU A 703 -3.71 -45.32 -3.90
N GLY A 704 -3.59 -44.03 -3.54
CA GLY A 704 -2.96 -43.69 -2.26
C GLY A 704 -1.49 -43.42 -2.55
N LEU A 705 -0.81 -42.77 -1.62
CA LEU A 705 0.62 -42.59 -1.70
C LEU A 705 1.18 -42.25 -0.34
N GLY A 706 2.50 -42.21 -0.26
CA GLY A 706 3.26 -41.93 0.95
C GLY A 706 4.30 -40.86 0.68
N VAL A 707 4.48 -39.96 1.63
CA VAL A 707 5.41 -38.84 1.49
C VAL A 707 6.25 -38.79 2.75
N ILE A 708 7.55 -38.66 2.57
CA ILE A 708 8.53 -38.53 3.65
C ILE A 708 9.32 -37.24 3.35
N ILE A 709 9.28 -36.32 4.34
CA ILE A 709 9.97 -35.03 4.27
C ILE A 709 10.81 -34.81 5.52
N GLY A 710 12.03 -34.38 5.33
CA GLY A 710 12.84 -33.79 6.42
C GLY A 710 13.33 -32.39 6.08
N ASN A 711 13.60 -31.60 7.12
CA ASN A 711 14.14 -30.25 6.96
C ASN A 711 15.53 -30.05 7.54
N ASP A 712 16.24 -31.17 7.73
CA ASP A 712 17.59 -31.17 8.31
C ASP A 712 18.57 -31.86 7.35
N PRO A 713 19.37 -31.07 6.63
CA PRO A 713 20.29 -31.63 5.65
C PRO A 713 21.43 -32.48 6.20
N LYS A 714 21.61 -32.53 7.51
CA LYS A 714 22.66 -33.36 8.15
C LYS A 714 22.13 -34.63 8.80
N LEU A 715 20.85 -34.94 8.56
CA LEU A 715 20.22 -36.12 9.12
C LEU A 715 21.03 -37.33 8.70
N GLN A 716 21.42 -38.12 9.70
CA GLN A 716 22.00 -39.46 9.49
C GLN A 716 21.29 -40.36 10.46
N LEU A 717 20.93 -41.56 10.00
CA LEU A 717 20.35 -42.55 10.93
C LEU A 717 21.43 -43.51 11.35
N ASN A 718 21.33 -44.04 12.57
CA ASN A 718 22.14 -45.21 12.96
C ASN A 718 21.75 -46.45 12.14
N ASP A 719 22.48 -47.55 12.29
CA ASP A 719 22.27 -48.74 11.50
C ASP A 719 21.03 -49.51 11.86
N SER A 720 20.51 -49.36 13.04
CA SER A 720 19.31 -50.12 13.38
C SER A 720 18.02 -49.30 13.29
N ASP A 721 18.08 -47.99 13.02
CA ASP A 721 16.86 -47.13 12.98
C ASP A 721 16.08 -47.43 11.70
N LYS A 722 14.77 -47.32 11.78
CA LYS A 722 13.86 -47.45 10.67
C LYS A 722 12.97 -46.17 10.55
N VAL A 723 12.59 -45.83 9.32
CA VAL A 723 11.55 -44.87 9.03
C VAL A 723 10.38 -45.60 8.35
N THR A 724 9.19 -45.45 8.86
CA THR A 724 8.05 -46.22 8.40
C THR A 724 7.00 -45.33 7.75
N LEU A 725 6.31 -45.88 6.76
CA LEU A 725 5.06 -45.30 6.24
C LEU A 725 3.97 -46.39 6.38
N ASP A 726 2.88 -46.06 7.06
CA ASP A 726 1.79 -47.00 7.30
C ASP A 726 0.74 -46.80 6.23
N MET A 727 0.89 -47.55 5.15
CA MET A 727 0.06 -47.34 3.98
C MET A 727 -1.35 -47.84 4.22
N GLY A 728 -1.52 -48.72 5.21
CA GLY A 728 -2.84 -49.17 5.66
C GLY A 728 -3.23 -50.57 5.18
N ALA A 729 -4.42 -50.96 5.60
CA ALA A 729 -4.97 -52.28 5.43
C ALA A 729 -5.32 -52.64 3.99
N ALA A 730 -5.55 -51.67 3.12
CA ALA A 730 -5.74 -52.02 1.73
C ALA A 730 -4.44 -52.26 0.94
N HIS A 731 -3.33 -52.13 1.60
CA HIS A 731 -2.04 -52.17 0.94
C HIS A 731 -1.08 -53.09 1.63
N LYS A 732 -1.55 -54.25 2.05
CA LYS A 732 -0.67 -55.25 2.64
C LYS A 732 0.08 -55.99 1.57
N ASN A 733 1.32 -56.39 1.87
CA ASN A 733 2.15 -57.25 0.99
C ASN A 733 2.18 -56.76 -0.44
N GLN A 734 2.55 -55.49 -0.59
CA GLN A 734 2.32 -54.80 -1.86
C GLN A 734 3.59 -54.07 -2.31
N LYS A 735 3.84 -54.14 -3.61
CA LYS A 735 4.93 -53.41 -4.23
C LYS A 735 4.60 -51.97 -4.55
N TYR A 736 5.54 -51.08 -4.20
CA TYR A 736 5.44 -49.63 -4.38
C TYR A 736 6.60 -49.20 -5.26
N ARG A 737 6.48 -48.02 -5.84
CA ARG A 737 7.51 -47.48 -6.70
C ARG A 737 7.62 -46.02 -6.48
N ALA A 738 8.81 -45.49 -6.75
CA ALA A 738 9.07 -44.10 -6.44
C ALA A 738 8.48 -43.16 -7.46
N VAL A 739 7.99 -42.01 -6.99
CA VAL A 739 7.72 -40.84 -7.85
C VAL A 739 8.85 -39.79 -7.74
N ILE A 740 9.33 -39.55 -6.53
CA ILE A 740 10.43 -38.61 -6.21
C ILE A 740 11.38 -39.29 -5.24
N LEU A 741 12.67 -39.19 -5.54
CA LEU A 741 13.72 -39.60 -4.61
C LEU A 741 14.75 -38.50 -4.51
N THR A 742 15.26 -38.31 -3.32
CA THR A 742 16.35 -37.38 -3.10
C THR A 742 17.67 -38.01 -3.60
N THR A 743 18.39 -37.30 -4.46
CA THR A 743 19.74 -37.68 -4.95
C THR A 743 20.78 -36.71 -4.42
N ARG A 744 22.04 -36.98 -4.72
CA ARG A 744 23.12 -36.12 -4.24
C ARG A 744 23.02 -34.71 -4.79
N ASP A 745 22.73 -34.61 -6.08
CA ASP A 745 22.69 -33.36 -6.83
C ASP A 745 21.32 -32.76 -6.93
N GLY A 746 20.26 -33.55 -6.78
CA GLY A 746 18.90 -32.97 -6.90
C GLY A 746 17.78 -33.86 -6.50
N LEU A 747 16.89 -34.09 -7.46
CA LEU A 747 15.75 -34.99 -7.26
C LEU A 747 15.54 -35.85 -8.51
N ALA A 748 15.41 -37.15 -8.32
CA ALA A 748 15.02 -38.03 -9.40
C ALA A 748 13.46 -38.10 -9.39
N THR A 749 12.90 -38.06 -10.59
CA THR A 749 11.48 -38.01 -10.82
C THR A 749 11.10 -39.14 -11.76
N PHE A 750 9.98 -39.79 -11.48
CA PHE A 750 9.50 -40.91 -12.27
C PHE A 750 7.96 -40.81 -12.44
N ASN A 751 7.53 -40.86 -13.70
CA ASN A 751 6.12 -40.81 -14.07
C ASN A 751 5.54 -42.15 -14.65
N SER A 752 6.20 -43.27 -14.38
CA SER A 752 5.69 -44.58 -14.68
C SER A 752 6.21 -45.59 -13.62
N ASP A 753 5.76 -46.84 -13.65
CA ASP A 753 6.22 -47.86 -12.71
C ASP A 753 7.66 -48.31 -12.94
N GLN A 754 8.33 -47.81 -13.97
CA GLN A 754 9.78 -48.09 -14.15
C GLN A 754 10.60 -47.17 -13.24
N ALA A 755 10.75 -47.59 -12.01
CA ALA A 755 11.38 -46.81 -11.01
C ALA A 755 11.84 -47.70 -9.89
N PRO A 756 12.62 -47.20 -8.93
CA PRO A 756 12.99 -48.05 -7.83
C PRO A 756 11.79 -48.48 -7.05
N THR A 757 11.86 -49.68 -6.46
CA THR A 757 10.72 -50.28 -5.80
C THR A 757 11.01 -50.67 -4.34
N ALA A 758 9.93 -50.85 -3.58
CA ALA A 758 9.95 -51.28 -2.19
C ALA A 758 8.62 -51.94 -1.84
N TRP A 759 8.60 -52.78 -0.82
CA TRP A 759 7.47 -53.64 -0.52
C TRP A 759 6.90 -53.34 0.87
N THR A 760 5.57 -53.24 0.99
CA THR A 760 4.97 -53.29 2.29
C THR A 760 5.00 -54.70 2.90
N ASN A 761 4.99 -54.78 4.20
CA ASN A 761 4.87 -56.04 4.91
C ASN A 761 3.37 -56.40 5.06
N ASP A 762 3.09 -57.38 5.92
CA ASP A 762 1.72 -57.87 6.11
C ASP A 762 0.77 -56.93 6.87
N GLN A 763 1.26 -55.84 7.49
CA GLN A 763 0.43 -54.75 8.04
C GLN A 763 0.20 -53.54 7.12
N GLY A 764 0.79 -53.54 5.94
CA GLY A 764 0.80 -52.40 5.04
C GLY A 764 1.89 -51.37 5.29
N THR A 765 2.88 -51.71 6.09
CA THR A 765 3.98 -50.81 6.38
C THR A 765 5.16 -50.85 5.38
N LEU A 766 5.57 -49.66 4.87
CA LEU A 766 6.85 -49.54 4.14
C LEU A 766 7.93 -49.18 5.12
N THR A 767 9.10 -49.78 4.97
CA THR A 767 10.20 -49.61 5.90
C THR A 767 11.48 -49.20 5.17
N PHE A 768 12.05 -48.06 5.58
CA PHE A 768 13.28 -47.52 5.03
C PHE A 768 14.33 -47.41 6.10
N SER A 769 15.58 -47.24 5.69
CA SER A 769 16.65 -47.17 6.65
C SER A 769 17.79 -46.40 5.99
N ASN A 770 18.97 -46.43 6.60
CA ASN A 770 20.18 -45.84 5.99
C ASN A 770 20.83 -46.66 4.89
N GLN A 771 20.30 -47.85 4.67
CA GLN A 771 20.72 -48.71 3.57
C GLN A 771 19.82 -48.54 2.37
N GLU A 772 20.36 -48.80 1.19
CA GLU A 772 19.61 -48.94 0.02
C GLU A 772 18.70 -50.16 0.15
N ILE A 773 17.55 -50.10 -0.53
CA ILE A 773 16.75 -51.30 -0.66
C ILE A 773 17.17 -52.06 -1.93
N ASN A 774 17.58 -53.32 -1.77
CA ASN A 774 17.99 -54.19 -2.89
C ASN A 774 18.94 -53.49 -3.80
N GLY A 775 19.91 -52.79 -3.22
CA GLY A 775 20.96 -52.18 -4.06
C GLY A 775 20.51 -51.01 -4.95
N GLN A 776 19.29 -50.51 -4.77
CA GLN A 776 18.81 -49.41 -5.60
C GLN A 776 19.23 -48.06 -5.00
N ASP A 777 20.04 -47.34 -5.76
CA ASP A 777 20.56 -46.05 -5.35
C ASP A 777 19.38 -45.08 -5.05
N ASN A 778 19.55 -44.29 -3.99
CA ASN A 778 18.67 -43.23 -3.59
C ASN A 778 17.42 -43.72 -2.90
N THR A 779 17.41 -44.99 -2.49
CA THR A 779 16.31 -45.52 -1.69
C THR A 779 16.59 -45.44 -0.19
N GLN A 780 17.81 -45.07 0.19
CA GLN A 780 18.11 -44.88 1.61
C GLN A 780 17.70 -43.49 2.13
N ILE A 781 17.42 -43.42 3.41
CA ILE A 781 17.14 -42.16 4.06
C ILE A 781 18.43 -41.49 4.58
N ARG A 782 18.65 -40.26 4.13
CA ARG A 782 19.73 -39.42 4.61
C ARG A 782 19.48 -37.98 4.24
N GLY A 783 19.99 -37.08 5.10
CA GLY A 783 19.95 -35.66 4.87
C GLY A 783 20.86 -35.28 3.75
N VAL A 784 20.39 -34.40 2.87
CA VAL A 784 21.16 -33.87 1.78
C VAL A 784 20.90 -32.37 1.67
N ALA A 785 21.92 -31.68 1.13
CA ALA A 785 21.89 -30.27 0.77
C ALA A 785 22.21 -30.13 -0.69
N ASN A 786 21.21 -29.77 -1.50
CA ASN A 786 21.42 -29.51 -2.95
C ASN A 786 20.40 -28.44 -3.38
N PRO A 787 20.47 -27.99 -4.64
CA PRO A 787 19.60 -26.87 -5.05
C PRO A 787 18.07 -27.08 -4.80
N GLN A 788 17.65 -28.35 -4.81
CA GLN A 788 16.25 -28.72 -4.81
C GLN A 788 15.72 -29.20 -3.48
N VAL A 789 16.59 -29.48 -2.54
CA VAL A 789 16.18 -29.94 -1.25
C VAL A 789 17.28 -29.68 -0.20
N SER A 790 16.82 -29.43 1.02
CA SER A 790 17.66 -29.13 2.19
C SER A 790 17.03 -29.89 3.36
N GLY A 791 17.39 -31.16 3.47
CA GLY A 791 16.71 -32.16 4.31
C GLY A 791 16.51 -33.42 3.46
N TYR A 792 15.26 -33.84 3.25
CA TYR A 792 14.96 -35.13 2.57
C TYR A 792 13.60 -35.06 1.95
N LEU A 793 13.45 -35.69 0.78
CA LEU A 793 12.14 -35.85 0.15
C LEU A 793 12.04 -37.15 -0.63
N ALA A 794 10.99 -37.92 -0.37
CA ALA A 794 10.68 -39.08 -1.18
C ALA A 794 9.15 -39.23 -1.29
N VAL A 795 8.67 -39.70 -2.42
CA VAL A 795 7.26 -39.93 -2.58
C VAL A 795 7.11 -41.28 -3.22
N TRP A 796 6.20 -42.10 -2.68
CA TRP A 796 6.03 -43.53 -3.04
C TRP A 796 4.55 -43.83 -3.43
N VAL A 797 4.31 -44.55 -4.54
CA VAL A 797 2.95 -44.90 -5.00
C VAL A 797 2.85 -46.41 -5.28
N PRO A 798 1.68 -47.00 -5.11
CA PRO A 798 1.52 -48.43 -5.40
C PRO A 798 1.74 -48.78 -6.89
N VAL A 799 2.39 -49.93 -7.13
CA VAL A 799 2.66 -50.40 -8.49
C VAL A 799 1.38 -50.96 -9.09
N GLY A 800 1.21 -50.72 -10.39
CA GLY A 800 0.17 -51.43 -11.17
C GLY A 800 -1.03 -50.59 -11.57
N ALA A 801 -0.94 -49.26 -11.47
CA ALA A 801 -2.06 -48.46 -11.96
C ALA A 801 -2.22 -48.60 -13.48
N SER A 802 -3.45 -48.64 -13.97
CA SER A 802 -3.70 -48.56 -15.44
C SER A 802 -3.25 -47.19 -15.93
N ASP A 803 -2.92 -47.06 -17.23
CA ASP A 803 -2.29 -45.81 -17.82
C ASP A 803 -3.18 -44.55 -17.71
N ASN A 804 -4.47 -44.77 -17.61
CA ASN A 804 -5.46 -43.72 -17.53
C ASN A 804 -6.19 -43.66 -16.15
N GLN A 805 -5.61 -44.26 -15.10
CA GLN A 805 -6.19 -44.24 -13.78
C GLN A 805 -6.36 -42.76 -13.31
N ASP A 806 -7.50 -42.43 -12.76
CA ASP A 806 -7.80 -41.08 -12.33
C ASP A 806 -8.47 -41.23 -11.00
N ALA A 807 -7.82 -40.73 -9.94
CA ALA A 807 -8.28 -40.94 -8.59
C ALA A 807 -9.28 -39.85 -8.16
N ARG A 808 -9.65 -38.97 -9.06
CA ARG A 808 -10.54 -37.86 -8.71
C ARG A 808 -11.99 -38.28 -8.48
N THR A 809 -12.72 -37.45 -7.73
CA THR A 809 -14.12 -37.69 -7.39
C THR A 809 -15.00 -36.63 -8.03
N ALA A 810 -15.96 -37.12 -8.79
CA ALA A 810 -17.00 -36.25 -9.40
C ALA A 810 -17.95 -35.59 -8.38
N ALA A 811 -18.30 -34.34 -8.64
CA ALA A 811 -19.31 -33.62 -7.86
C ALA A 811 -20.66 -34.21 -8.19
N THR A 812 -21.56 -34.21 -7.19
CA THR A 812 -22.96 -34.68 -7.30
C THR A 812 -23.94 -33.53 -7.40
N THR A 813 -25.13 -33.87 -7.89
CA THR A 813 -26.24 -32.94 -8.03
C THR A 813 -27.11 -32.88 -6.81
N THR A 814 -26.78 -33.65 -5.79
CA THR A 814 -27.52 -33.66 -4.56
C THR A 814 -27.67 -32.26 -3.93
N GLU A 815 -28.88 -31.94 -3.49
CA GLU A 815 -29.23 -30.60 -3.02
C GLU A 815 -28.51 -30.32 -1.66
N ASN A 816 -27.93 -29.11 -1.47
CA ASN A 816 -27.31 -28.78 -0.17
C ASN A 816 -28.40 -28.25 0.77
N HIS A 817 -28.24 -28.56 2.07
CA HIS A 817 -29.20 -28.15 3.10
C HIS A 817 -28.58 -27.40 4.30
N ASP A 818 -27.26 -27.20 4.33
CA ASP A 818 -26.57 -26.66 5.51
C ASP A 818 -26.25 -25.16 5.39
N GLY A 819 -26.64 -24.51 4.30
CA GLY A 819 -26.33 -23.11 4.09
C GLY A 819 -24.95 -22.78 3.53
N LYS A 820 -24.17 -23.79 3.19
CA LYS A 820 -22.82 -23.53 2.72
C LYS A 820 -22.80 -23.70 1.22
N VAL A 821 -22.08 -22.84 0.52
CA VAL A 821 -21.93 -22.97 -0.91
C VAL A 821 -20.88 -24.06 -1.22
N LEU A 822 -19.65 -23.93 -0.69
CA LEU A 822 -18.60 -24.89 -0.97
C LEU A 822 -18.53 -25.82 0.17
N HIS A 823 -18.16 -27.08 -0.09
CA HIS A 823 -17.90 -28.05 0.97
C HIS A 823 -16.53 -28.77 0.72
N SER A 824 -15.70 -28.89 1.77
CA SER A 824 -14.38 -29.48 1.65
C SER A 824 -14.54 -31.00 1.72
N ASN A 825 -14.42 -31.65 0.58
CA ASN A 825 -14.61 -33.12 0.49
C ASN A 825 -13.84 -33.62 -0.73
N ALA A 826 -14.01 -34.89 -1.13
CA ALA A 826 -13.17 -35.44 -2.14
C ALA A 826 -13.37 -34.79 -3.47
N ALA A 827 -14.60 -34.32 -3.73
CA ALA A 827 -14.86 -33.70 -5.01
C ALA A 827 -14.21 -32.30 -5.11
N LEU A 828 -14.29 -31.55 -4.02
CA LEU A 828 -13.66 -30.23 -4.04
C LEU A 828 -12.15 -30.39 -4.09
N ASP A 829 -11.65 -31.33 -3.31
CA ASP A 829 -10.20 -31.70 -3.32
C ASP A 829 -9.70 -32.10 -4.67
N SER A 830 -10.57 -32.61 -5.54
CA SER A 830 -10.19 -32.95 -6.90
C SER A 830 -9.89 -31.78 -7.82
N ASN A 831 -10.04 -30.54 -7.35
CA ASN A 831 -9.73 -29.40 -8.20
C ASN A 831 -8.30 -28.98 -7.95
N LEU A 832 -7.81 -28.14 -8.86
CA LEU A 832 -6.45 -27.66 -8.82
C LEU A 832 -6.40 -26.37 -9.59
N ILE A 833 -5.83 -25.36 -8.99
CA ILE A 833 -5.78 -24.01 -9.56
C ILE A 833 -4.41 -23.67 -10.03
N TYR A 834 -4.32 -22.93 -11.13
CA TYR A 834 -3.03 -22.47 -11.70
C TYR A 834 -3.04 -20.98 -11.76
N GLU A 835 -2.19 -20.32 -10.97
CA GLU A 835 -2.02 -18.86 -11.07
C GLU A 835 -1.12 -18.59 -12.27
N GLY A 836 -1.68 -18.16 -13.36
CA GLY A 836 -0.96 -18.17 -14.65
C GLY A 836 -0.17 -16.95 -15.09
N PHE A 837 0.49 -16.30 -14.14
CA PHE A 837 1.34 -15.14 -14.49
C PHE A 837 2.30 -14.82 -13.36
N SER A 838 3.26 -13.96 -13.69
CA SER A 838 4.19 -13.36 -12.74
C SER A 838 4.26 -11.85 -12.98
N ASN A 839 4.53 -11.07 -11.93
CA ASN A 839 4.70 -9.61 -12.12
C ASN A 839 5.86 -9.26 -13.02
N PHE A 840 6.91 -10.04 -12.87
CA PHE A 840 8.19 -9.69 -13.49
C PHE A 840 8.43 -10.30 -14.84
N GLN A 841 7.40 -10.85 -15.48
CA GLN A 841 7.57 -11.37 -16.84
C GLN A 841 7.94 -10.15 -17.71
N PRO A 842 8.72 -10.36 -18.80
CA PRO A 842 9.08 -9.26 -19.69
C PRO A 842 7.98 -8.97 -20.65
N LYS A 843 8.12 -7.86 -21.38
CA LYS A 843 7.18 -7.51 -22.43
C LYS A 843 7.39 -8.41 -23.61
N ALA A 844 6.29 -8.83 -24.20
CA ALA A 844 6.30 -9.53 -25.49
C ALA A 844 6.94 -8.65 -26.55
N THR A 845 7.70 -9.26 -27.45
CA THR A 845 8.22 -8.55 -28.63
C THR A 845 7.46 -8.92 -29.90
N THR A 846 6.75 -10.04 -29.88
CA THR A 846 5.94 -10.40 -31.01
C THR A 846 4.57 -10.93 -30.54
N HIS A 847 3.64 -10.97 -31.50
CA HIS A 847 2.32 -11.61 -31.31
C HIS A 847 2.42 -12.96 -30.59
N ASP A 848 3.21 -13.85 -31.16
CA ASP A 848 3.40 -15.21 -30.66
C ASP A 848 4.00 -15.33 -29.22
N GLU A 849 4.71 -14.30 -28.77
CA GLU A 849 5.21 -14.25 -27.40
C GLU A 849 4.17 -13.81 -26.38
N LEU A 850 3.05 -13.18 -26.84
CA LEU A 850 2.06 -12.67 -25.89
C LEU A 850 1.54 -13.79 -24.99
N THR A 851 1.54 -13.54 -23.68
CA THR A 851 1.09 -14.48 -22.69
C THR A 851 -0.22 -15.20 -23.10
N ASN A 852 -1.22 -14.45 -23.51
CA ASN A 852 -2.51 -15.03 -23.77
C ASN A 852 -2.52 -15.92 -24.98
N VAL A 853 -1.63 -15.63 -25.94
CA VAL A 853 -1.52 -16.47 -27.16
C VAL A 853 -0.81 -17.76 -26.76
N VAL A 854 0.19 -17.68 -25.88
CA VAL A 854 0.93 -18.87 -25.43
C VAL A 854 0.04 -19.77 -24.56
N ILE A 855 -0.69 -19.18 -23.62
CA ILE A 855 -1.66 -19.96 -22.86
C ILE A 855 -2.58 -20.82 -23.74
N ALA A 856 -3.27 -20.17 -24.68
CA ALA A 856 -4.21 -20.88 -25.62
C ALA A 856 -3.57 -22.09 -26.33
N LYS A 857 -2.38 -21.84 -26.87
CA LYS A 857 -1.60 -22.89 -27.48
C LYS A 857 -1.25 -24.03 -26.53
N ASN A 858 -1.04 -23.74 -25.24
CA ASN A 858 -0.69 -24.78 -24.29
C ASN A 858 -1.85 -25.34 -23.47
N ALA A 859 -3.09 -25.08 -23.89
CA ALA A 859 -4.25 -25.50 -23.09
C ALA A 859 -4.28 -26.94 -22.68
N ASP A 860 -3.92 -27.81 -23.60
CA ASP A 860 -3.89 -29.25 -23.30
C ASP A 860 -2.80 -29.63 -22.31
N VAL A 861 -1.70 -28.89 -22.27
CA VAL A 861 -0.70 -29.17 -21.24
C VAL A 861 -1.33 -28.99 -19.82
N PHE A 862 -2.10 -27.93 -19.58
CA PHE A 862 -2.68 -27.68 -18.24
C PHE A 862 -3.67 -28.76 -17.85
N ASN A 863 -4.41 -29.24 -18.84
CA ASN A 863 -5.45 -30.25 -18.61
C ASN A 863 -4.77 -31.56 -18.22
N ASN A 864 -3.75 -31.91 -18.99
CA ASN A 864 -2.98 -33.06 -18.65
C ASN A 864 -2.36 -33.00 -17.24
N TRP A 865 -1.93 -31.83 -16.75
CA TRP A 865 -1.46 -31.73 -15.37
C TRP A 865 -2.60 -31.81 -14.34
N GLY A 866 -3.85 -31.73 -14.77
CA GLY A 866 -4.99 -31.75 -13.81
C GLY A 866 -5.48 -30.39 -13.29
N ILE A 867 -5.11 -29.33 -13.98
CA ILE A 867 -5.57 -28.03 -13.64
C ILE A 867 -7.08 -28.06 -13.98
N THR A 868 -7.93 -27.64 -13.07
CA THR A 868 -9.39 -27.50 -13.36
C THR A 868 -9.77 -26.05 -13.33
N SER A 869 -8.93 -25.19 -12.75
CA SER A 869 -9.18 -23.75 -12.74
C SER A 869 -7.97 -22.93 -13.09
N PHE A 870 -8.08 -22.15 -14.16
CA PHE A 870 -7.00 -21.38 -14.62
C PHE A 870 -7.23 -19.95 -14.17
N GLU A 871 -6.40 -19.49 -13.24
CA GLU A 871 -6.47 -18.13 -12.73
C GLU A 871 -5.62 -17.16 -13.57
N MET A 872 -6.28 -16.39 -14.41
CA MET A 872 -5.61 -15.45 -15.28
C MET A 872 -5.26 -14.19 -14.53
N ALA A 873 -4.20 -13.55 -14.96
CA ALA A 873 -3.91 -12.18 -14.53
C ALA A 873 -5.14 -11.29 -14.67
N PRO A 874 -5.22 -10.20 -13.87
CA PRO A 874 -6.19 -9.16 -14.23
C PRO A 874 -5.89 -8.61 -15.59
N GLN A 875 -6.93 -8.46 -16.42
CA GLN A 875 -6.76 -8.19 -17.83
C GLN A 875 -6.93 -6.73 -18.19
N TYR A 876 -6.98 -5.86 -17.18
CA TYR A 876 -7.22 -4.39 -17.40
C TYR A 876 -5.98 -3.72 -17.90
N ARG A 877 -6.11 -2.76 -18.79
CA ARG A 877 -4.98 -1.98 -19.26
C ARG A 877 -4.35 -1.20 -18.13
N SER A 878 -3.04 -1.28 -18.04
CA SER A 878 -2.24 -0.61 -17.04
C SER A 878 -2.27 0.91 -17.20
N SER A 879 -2.25 1.62 -16.08
CA SER A 879 -2.17 3.07 -16.15
C SER A 879 -0.82 3.54 -16.67
N GLY A 880 0.24 2.78 -16.38
CA GLY A 880 1.57 3.04 -16.93
C GLY A 880 2.25 4.19 -16.23
N ASP A 881 1.73 4.62 -15.09
CA ASP A 881 2.16 5.90 -14.50
C ASP A 881 3.35 5.77 -13.56
N HIS A 882 3.84 4.56 -13.30
CA HIS A 882 5.01 4.32 -12.50
C HIS A 882 4.87 4.73 -11.03
N THR A 883 3.68 4.98 -10.55
CA THR A 883 3.46 5.41 -9.11
C THR A 883 3.41 4.23 -8.15
N PHE A 884 3.37 3.02 -8.70
CA PHE A 884 3.55 1.83 -7.90
C PHE A 884 4.13 0.72 -8.78
N LEU A 885 4.67 -0.31 -8.14
CA LEU A 885 5.18 -1.45 -8.89
C LEU A 885 4.20 -1.98 -9.96
N ASP A 886 2.94 -2.10 -9.55
CA ASP A 886 1.88 -2.61 -10.44
C ASP A 886 1.83 -1.83 -11.77
N SER A 887 2.02 -0.51 -11.70
CA SER A 887 1.95 0.36 -12.89
C SER A 887 3.30 0.68 -13.47
N THR A 888 4.33 -0.06 -13.01
CA THR A 888 5.67 -0.03 -13.58
C THR A 888 5.94 -1.31 -14.41
N ILE A 889 5.60 -2.49 -13.90
CA ILE A 889 5.66 -3.73 -14.68
C ILE A 889 4.34 -4.11 -15.35
N ASP A 890 3.31 -3.26 -15.19
CA ASP A 890 2.03 -3.36 -15.91
C ASP A 890 1.37 -4.75 -15.79
N ASN A 891 1.15 -5.17 -14.56
CA ASN A 891 0.55 -6.49 -14.29
C ASN A 891 -0.98 -6.53 -14.45
N GLY A 892 -1.65 -5.35 -14.45
CA GLY A 892 -3.09 -5.27 -14.64
C GLY A 892 -3.86 -4.87 -13.37
N TYR A 893 -3.19 -4.79 -12.23
CA TYR A 893 -3.80 -4.37 -10.98
C TYR A 893 -4.00 -2.86 -10.85
N ALA A 894 -3.27 -2.10 -11.70
CA ALA A 894 -3.25 -0.63 -11.65
C ALA A 894 -3.70 -0.17 -12.98
N PHE A 895 -4.93 0.32 -13.01
CA PHE A 895 -5.62 0.74 -14.22
C PHE A 895 -6.44 1.99 -13.97
N THR A 896 -6.81 2.64 -15.06
CA THR A 896 -7.65 3.77 -15.09
C THR A 896 -9.07 3.39 -15.55
N ASP A 897 -9.12 2.60 -16.65
CA ASP A 897 -10.33 2.15 -17.34
C ASP A 897 -10.59 0.68 -17.09
N ARG A 898 -11.45 0.38 -16.15
CA ARG A 898 -11.58 -0.99 -15.79
C ARG A 898 -12.35 -1.87 -16.76
N TYR A 899 -12.90 -1.27 -17.83
CA TYR A 899 -13.57 -1.99 -18.90
C TYR A 899 -12.67 -2.24 -20.12
N ASP A 900 -11.50 -1.60 -20.18
CA ASP A 900 -10.56 -1.81 -21.25
C ASP A 900 -9.65 -3.03 -21.02
N LEU A 901 -10.01 -4.16 -21.64
CA LEU A 901 -9.29 -5.38 -21.49
C LEU A 901 -8.36 -5.70 -22.70
N GLY A 902 -7.95 -4.66 -23.41
CA GLY A 902 -7.01 -4.76 -24.55
C GLY A 902 -7.60 -4.48 -25.92
N PHE A 903 -8.65 -3.66 -25.99
CA PHE A 903 -9.20 -3.17 -27.23
C PHE A 903 -8.20 -2.25 -27.95
N ASN A 904 -8.06 -2.42 -29.28
CA ASN A 904 -7.19 -1.57 -30.13
C ASN A 904 -5.73 -2.00 -30.01
N THR A 905 -5.10 -1.76 -28.85
CA THR A 905 -3.72 -2.17 -28.67
C THR A 905 -3.68 -3.10 -27.44
N PRO A 906 -2.74 -4.02 -27.47
CA PRO A 906 -2.73 -5.02 -26.41
C PRO A 906 -2.41 -4.46 -24.99
N THR A 907 -2.90 -5.16 -23.96
CA THR A 907 -2.34 -5.02 -22.62
C THR A 907 -0.92 -5.69 -22.64
N LYS A 908 -0.35 -5.94 -21.48
CA LYS A 908 0.85 -6.77 -21.40
C LYS A 908 0.61 -8.20 -21.94
N TYR A 909 -0.63 -8.70 -21.86
CA TYR A 909 -0.92 -10.10 -22.16
C TYR A 909 -1.54 -10.35 -23.51
N GLY A 910 -2.13 -9.31 -24.10
CA GLY A 910 -2.69 -9.41 -25.43
C GLY A 910 -3.84 -8.46 -25.64
N THR A 911 -4.52 -8.64 -26.77
CA THR A 911 -5.68 -7.82 -27.13
C THR A 911 -6.93 -8.48 -26.62
N ASP A 912 -8.05 -7.80 -26.79
CA ASP A 912 -9.34 -8.40 -26.40
C ASP A 912 -9.66 -9.68 -27.18
N GLY A 913 -9.30 -9.70 -28.47
CA GLY A 913 -9.48 -10.87 -29.32
C GLY A 913 -8.57 -12.00 -28.83
N ASP A 914 -7.33 -11.71 -28.43
CA ASP A 914 -6.52 -12.79 -27.79
C ASP A 914 -7.15 -13.38 -26.54
N LEU A 915 -7.67 -12.51 -25.68
CA LEU A 915 -8.25 -12.93 -24.44
C LEU A 915 -9.44 -13.86 -24.70
N ARG A 916 -10.32 -13.44 -25.59
CA ARG A 916 -11.46 -14.30 -25.96
C ARG A 916 -10.97 -15.67 -26.47
N ALA A 917 -10.02 -15.70 -27.38
CA ALA A 917 -9.41 -17.00 -27.81
C ALA A 917 -8.82 -17.85 -26.64
N THR A 918 -8.12 -17.22 -25.70
CA THR A 918 -7.63 -17.94 -24.51
C THR A 918 -8.72 -18.56 -23.70
N ILE A 919 -9.77 -17.78 -23.40
CA ILE A 919 -10.84 -18.31 -22.60
C ILE A 919 -11.48 -19.50 -23.33
N GLN A 920 -11.63 -19.39 -24.65
CA GLN A 920 -12.23 -20.49 -25.41
C GLN A 920 -11.38 -21.74 -25.35
N ALA A 921 -10.07 -21.56 -25.49
CA ALA A 921 -9.15 -22.69 -25.53
C ALA A 921 -9.15 -23.36 -24.19
N LEU A 922 -9.14 -22.59 -23.10
CA LEU A 922 -9.19 -23.20 -21.77
C LEU A 922 -10.50 -23.93 -21.53
N HIS A 923 -11.59 -23.35 -21.95
CA HIS A 923 -12.83 -24.01 -21.79
C HIS A 923 -12.89 -25.33 -22.62
N HIS A 924 -12.43 -25.29 -23.83
CA HIS A 924 -12.38 -26.51 -24.67
C HIS A 924 -11.43 -27.57 -24.11
N ALA A 925 -10.48 -27.19 -23.24
CA ALA A 925 -9.67 -28.16 -22.47
C ALA A 925 -10.14 -28.39 -21.05
N ASN A 926 -11.42 -28.13 -20.81
CA ASN A 926 -12.01 -28.51 -19.56
C ASN A 926 -11.54 -27.77 -18.32
N MET A 927 -11.24 -26.50 -18.48
CA MET A 927 -10.97 -25.67 -17.35
C MET A 927 -12.01 -24.59 -17.22
N GLN A 928 -12.28 -24.17 -15.97
CA GLN A 928 -12.96 -22.91 -15.75
C GLN A 928 -11.92 -21.76 -15.65
N VAL A 929 -12.31 -20.49 -15.94
CA VAL A 929 -11.37 -19.37 -15.99
C VAL A 929 -11.78 -18.28 -15.05
N MET A 930 -10.82 -17.80 -14.27
CA MET A 930 -11.11 -16.90 -13.16
C MET A 930 -10.75 -15.46 -13.50
N ALA A 931 -11.69 -14.55 -13.24
CA ALA A 931 -11.51 -13.09 -13.40
C ALA A 931 -11.06 -12.48 -12.08
N ASP A 932 -9.99 -11.72 -12.13
CA ASP A 932 -9.45 -11.07 -10.95
C ASP A 932 -10.14 -9.73 -10.81
N VAL A 933 -11.10 -9.68 -9.88
CA VAL A 933 -11.93 -8.50 -9.75
C VAL A 933 -11.28 -7.57 -8.72
N VAL A 934 -11.00 -6.35 -9.17
CA VAL A 934 -10.22 -5.38 -8.39
C VAL A 934 -11.08 -4.17 -8.06
N ASP A 935 -11.86 -4.27 -7.00
CA ASP A 935 -12.82 -3.21 -6.67
C ASP A 935 -12.20 -2.13 -5.82
N ASN A 936 -10.97 -2.33 -5.32
CA ASN A 936 -10.46 -1.43 -4.30
C ASN A 936 -10.09 0.02 -4.76
N GLN A 937 -9.56 0.16 -5.97
CA GLN A 937 -8.96 1.43 -6.38
C GLN A 937 -8.89 1.61 -7.88
N VAL A 938 -8.60 2.82 -8.26
CA VAL A 938 -8.41 3.24 -9.62
C VAL A 938 -7.23 4.20 -9.64
N TYR A 939 -6.45 4.18 -10.74
CA TYR A 939 -5.22 4.99 -10.85
C TYR A 939 -5.37 6.11 -11.90
N ASN A 940 -4.60 7.18 -11.74
CA ASN A 940 -4.34 8.17 -12.77
C ASN A 940 -5.57 8.84 -13.38
N LEU A 941 -6.36 9.50 -12.54
CA LEU A 941 -7.52 10.24 -12.96
C LEU A 941 -7.13 11.69 -13.13
N PRO A 942 -7.02 12.19 -14.36
CA PRO A 942 -6.33 13.49 -14.55
C PRO A 942 -7.12 14.72 -14.13
N GLY A 943 -8.46 14.62 -14.12
CA GLY A 943 -9.31 15.78 -13.84
C GLY A 943 -9.31 16.14 -12.37
N LYS A 944 -9.24 17.44 -12.09
CA LYS A 944 -9.05 17.95 -10.73
C LYS A 944 -10.34 18.36 -10.05
N GLU A 945 -10.37 18.15 -8.74
CA GLU A 945 -11.48 18.65 -7.93
C GLU A 945 -10.87 19.06 -6.59
N VAL A 946 -11.69 19.73 -5.79
CA VAL A 946 -11.35 20.10 -4.41
C VAL A 946 -12.22 19.33 -3.41
N VAL A 947 -11.58 18.74 -2.42
CA VAL A 947 -12.23 17.93 -1.36
C VAL A 947 -11.50 18.17 -0.07
N SER A 948 -12.25 18.07 1.02
CA SER A 948 -11.63 18.05 2.35
C SER A 948 -10.90 16.74 2.66
N ALA A 949 -9.69 16.87 3.22
CA ALA A 949 -8.79 15.80 3.40
C ALA A 949 -8.05 15.86 4.75
N THR A 950 -7.78 14.67 5.30
CA THR A 950 -6.96 14.48 6.46
C THR A 950 -6.02 13.27 6.25
N ARG A 951 -4.80 13.35 6.78
CA ARG A 951 -3.88 12.22 6.72
C ARG A 951 -4.49 11.01 7.43
N ALA A 952 -4.34 9.84 6.80
CA ALA A 952 -4.82 8.55 7.36
C ALA A 952 -3.99 7.37 6.89
N GLY A 953 -4.10 6.28 7.65
CA GLY A 953 -3.43 5.04 7.32
C GLY A 953 -4.36 4.00 6.74
N VAL A 954 -3.79 2.80 6.58
CA VAL A 954 -4.52 1.66 5.94
C VAL A 954 -5.82 1.30 6.61
N IYR A 955 -5.87 1.43 7.92
CA IYR A 955 -7.08 1.17 8.71
CB IYR A 955 -6.84 1.09 10.24
CC IYR A 955 -5.80 0.02 10.53
CD IYR A 955 -4.41 0.22 10.57
CE IYR A 955 -3.56 -0.88 10.81
IE IYR A 955 -1.49 -0.81 10.91
CF IYR A 955 -4.13 -2.21 10.98
OF IYR A 955 -3.32 -3.27 11.22
CG IYR A 955 -5.48 -2.37 10.95
CH IYR A 955 -6.31 -1.28 10.75
C IYR A 955 -8.18 2.17 8.44
O IYR A 955 -9.32 1.94 8.83
N GLY A 956 -7.86 3.31 7.80
CA GLY A 956 -8.83 4.42 7.65
C GLY A 956 -9.04 5.27 8.89
N ASN A 957 -8.14 5.12 9.84
CA ASN A 957 -8.03 5.94 11.05
C ASN A 957 -7.32 7.27 10.71
N ASP A 958 -7.88 8.38 11.16
CA ASP A 958 -7.21 9.71 11.13
C ASP A 958 -5.86 9.65 11.77
N ASP A 959 -4.80 10.02 11.06
CA ASP A 959 -3.52 10.17 11.69
C ASP A 959 -3.55 11.54 12.41
N ALA A 960 -2.61 11.75 13.31
CA ALA A 960 -2.51 13.02 14.04
C ALA A 960 -1.26 13.71 13.53
N THR A 961 -1.42 14.54 12.50
CA THR A 961 -0.25 15.16 11.85
C THR A 961 -0.50 16.64 11.71
N GLY A 962 0.59 17.38 11.45
CA GLY A 962 0.52 18.78 11.21
C GLY A 962 -0.31 19.24 10.03
N PHE A 963 -0.55 18.33 9.06
CA PHE A 963 -1.46 18.61 7.92
C PHE A 963 -2.86 19.00 8.41
N GLY A 964 -3.33 18.41 9.51
CA GLY A 964 -4.67 18.68 9.95
C GLY A 964 -5.73 18.21 8.96
N THR A 965 -6.71 19.08 8.74
CA THR A 965 -7.77 18.89 7.82
C THR A 965 -7.77 20.10 6.90
N GLN A 966 -7.48 19.86 5.60
CA GLN A 966 -7.44 20.94 4.61
C GLN A 966 -8.22 20.56 3.36
N LEU A 967 -8.83 21.55 2.74
CA LEU A 967 -9.26 21.44 1.37
C LEU A 967 -8.07 21.13 0.48
N TYR A 968 -8.27 20.22 -0.48
CA TYR A 968 -7.12 19.61 -1.21
C TYR A 968 -7.49 19.36 -2.67
N VAL A 969 -6.54 19.62 -3.59
CA VAL A 969 -6.75 19.48 -5.04
C VAL A 969 -6.36 18.05 -5.33
N THR A 970 -7.36 17.24 -5.70
CA THR A 970 -7.20 15.82 -5.93
C THR A 970 -7.25 15.52 -7.40
N ASN A 971 -6.59 14.42 -7.77
CA ASN A 971 -6.61 13.83 -9.12
C ASN A 971 -7.66 12.73 -9.19
N SER A 972 -8.88 13.16 -9.42
CA SER A 972 -10.05 12.32 -9.12
C SER A 972 -11.05 12.13 -10.24
N VAL A 973 -10.89 12.78 -11.40
CA VAL A 973 -11.93 12.69 -12.42
C VAL A 973 -11.39 12.08 -13.66
N GLY A 974 -12.04 11.00 -14.11
CA GLY A 974 -11.63 10.33 -15.30
C GLY A 974 -12.18 8.90 -15.35
N GLY A 975 -11.58 8.08 -16.21
CA GLY A 975 -12.03 6.76 -16.44
C GLY A 975 -11.67 6.18 -17.80
N GLY A 976 -12.07 6.80 -18.89
CA GLY A 976 -11.74 6.34 -20.21
C GLY A 976 -12.88 5.87 -21.08
N GLN A 977 -12.54 5.53 -22.29
CA GLN A 977 -13.49 5.29 -23.33
C GLN A 977 -14.41 4.06 -23.03
N TYR A 978 -13.91 3.03 -22.36
CA TYR A 978 -14.70 1.82 -22.17
C TYR A 978 -15.58 1.92 -20.94
N GLN A 979 -15.15 2.62 -19.94
CA GLN A 979 -16.05 2.97 -18.89
C GLN A 979 -17.23 3.81 -19.38
N GLU A 980 -16.95 4.81 -20.17
CA GLU A 980 -17.98 5.66 -20.82
C GLU A 980 -18.96 4.77 -21.62
N LYS A 981 -18.42 3.80 -22.32
CA LYS A 981 -19.25 2.94 -23.14
C LYS A 981 -20.12 1.97 -22.39
N TYR A 982 -19.55 1.32 -21.34
CA TYR A 982 -20.16 0.19 -20.67
C TYR A 982 -20.70 0.44 -19.24
N ALA A 983 -20.21 1.43 -18.51
CA ALA A 983 -20.63 1.57 -17.11
C ALA A 983 -22.10 1.86 -17.01
N GLY A 984 -22.78 1.16 -16.14
CA GLY A 984 -24.20 1.31 -16.00
C GLY A 984 -25.08 0.74 -17.11
N GLN A 985 -24.53 0.26 -18.20
CA GLN A 985 -25.36 -0.12 -19.33
CA GLN A 985 -25.37 -0.10 -19.31
C GLN A 985 -26.23 -1.35 -19.02
N TYR A 986 -25.84 -2.20 -18.07
CA TYR A 986 -26.63 -3.45 -17.84
C TYR A 986 -27.53 -3.38 -16.63
N LEU A 987 -27.54 -2.27 -15.96
CA LEU A 987 -28.25 -2.20 -14.68
C LEU A 987 -29.77 -2.38 -14.76
N GLU A 988 -30.42 -1.81 -15.77
CA GLU A 988 -31.89 -1.87 -15.86
C GLU A 988 -32.30 -3.28 -16.17
N ALA A 989 -31.56 -3.95 -17.05
CA ALA A 989 -31.81 -5.36 -17.33
C ALA A 989 -31.45 -6.29 -16.14
N LEU A 990 -30.45 -5.94 -15.35
CA LEU A 990 -30.13 -6.71 -14.15
C LEU A 990 -31.21 -6.54 -13.09
N LYS A 991 -31.69 -5.32 -12.93
CA LYS A 991 -32.76 -5.09 -11.97
C LYS A 991 -34.07 -5.85 -12.36
N ALA A 992 -34.38 -5.91 -13.65
CA ALA A 992 -35.54 -6.68 -14.17
C ALA A 992 -35.34 -8.18 -14.04
N LYS A 993 -34.11 -8.67 -14.22
CA LYS A 993 -33.89 -10.12 -14.11
C LYS A 993 -33.61 -10.62 -12.69
N TYR A 994 -32.83 -9.87 -11.93
CA TYR A 994 -32.51 -10.23 -10.53
C TYR A 994 -32.82 -9.03 -9.59
N PRO A 995 -34.10 -8.68 -9.44
CA PRO A 995 -34.45 -7.55 -8.58
C PRO A 995 -33.94 -7.71 -7.16
N ASP A 996 -33.74 -8.94 -6.71
CA ASP A 996 -33.30 -9.13 -5.33
C ASP A 996 -31.98 -8.38 -5.04
N LEU A 997 -31.08 -8.31 -6.03
CA LEU A 997 -29.76 -7.65 -5.89
C LEU A 997 -29.85 -6.18 -5.55
N PHE A 998 -30.92 -5.50 -5.97
CA PHE A 998 -31.08 -4.07 -5.80
C PHE A 998 -31.84 -3.67 -4.53
N GLU A 999 -32.35 -4.67 -3.80
CA GLU A 999 -32.97 -4.50 -2.53
C GLU A 999 -31.96 -4.44 -1.36
N GLY A 1000 -32.37 -3.81 -0.25
CA GLY A 1000 -31.68 -3.94 1.05
C GLY A 1000 -31.89 -5.37 1.54
N LYS A 1001 -30.97 -5.83 2.37
CA LYS A 1001 -30.96 -7.20 2.88
C LYS A 1001 -30.13 -7.32 4.18
N ALA A 1002 -30.65 -8.09 5.13
CA ALA A 1002 -30.01 -8.42 6.39
C ALA A 1002 -29.08 -9.57 6.18
N TYR A 1003 -27.88 -9.58 6.79
CA TYR A 1003 -26.97 -10.72 6.66
C TYR A 1003 -26.02 -10.80 7.83
N ASP A 1004 -25.45 -11.97 8.02
CA ASP A 1004 -24.46 -12.19 9.06
C ASP A 1004 -23.06 -12.43 8.47
N TYR A 1005 -22.05 -12.22 9.29
CA TYR A 1005 -20.71 -12.55 8.92
C TYR A 1005 -19.85 -12.67 10.19
N TRP A 1006 -18.80 -13.45 10.09
CA TRP A 1006 -17.82 -13.57 11.14
C TRP A 1006 -16.88 -12.37 11.16
N TYR A 1007 -16.44 -12.02 12.37
CA TYR A 1007 -15.59 -10.84 12.64
C TYR A 1007 -14.45 -11.25 13.57
N LYS A 1008 -13.24 -11.00 13.12
CA LYS A 1008 -12.01 -11.36 13.86
C LYS A 1008 -11.62 -10.28 14.91
N ASN A 1009 -11.53 -10.66 16.18
CA ASN A 1009 -11.22 -9.75 17.31
C ASN A 1009 -9.83 -10.05 17.81
N TYR A 1010 -9.07 -9.02 18.10
CA TYR A 1010 -7.74 -9.20 18.63
C TYR A 1010 -7.83 -9.04 20.12
N ALA A 1011 -7.24 -9.99 20.84
CA ALA A 1011 -7.30 -9.95 22.29
C ALA A 1011 -6.27 -8.97 22.82
N ASN A 1012 -6.61 -8.45 23.99
CA ASN A 1012 -5.81 -7.46 24.70
C ASN A 1012 -4.55 -8.07 25.35
N ASP A 1013 -4.77 -9.19 26.07
CA ASP A 1013 -3.70 -9.97 26.76
C ASP A 1013 -2.72 -10.83 25.88
N GLY A 1014 -2.59 -10.54 24.57
CA GLY A 1014 -1.74 -11.34 23.66
C GLY A 1014 -2.08 -12.83 23.42
N SER A 1015 -3.31 -13.23 23.76
CA SER A 1015 -3.82 -14.56 23.44
C SER A 1015 -4.45 -14.54 22.00
N ASN A 1016 -4.96 -15.69 21.55
CA ASN A 1016 -5.33 -15.84 20.15
C ASN A 1016 -6.55 -14.99 19.76
N PRO A 1017 -6.53 -14.49 18.52
CA PRO A 1017 -7.72 -13.81 18.04
C PRO A 1017 -8.95 -14.70 18.10
N TYR A 1018 -10.13 -14.12 18.27
CA TYR A 1018 -11.36 -14.94 18.47
C TYR A 1018 -12.45 -14.35 17.56
N TYR A 1019 -13.44 -15.18 17.18
CA TYR A 1019 -14.43 -14.83 16.16
C TYR A 1019 -15.76 -14.60 16.83
N THR A 1020 -16.44 -13.52 16.44
CA THR A 1020 -17.79 -13.25 16.86
C THR A 1020 -18.66 -13.02 15.64
N LEU A 1021 -19.97 -13.20 15.80
CA LEU A 1021 -20.90 -13.05 14.71
C LEU A 1021 -21.44 -11.61 14.63
N SER A 1022 -21.12 -10.91 13.54
CA SER A 1022 -21.68 -9.58 13.27
C SER A 1022 -22.90 -9.64 12.36
N HIS A 1023 -23.70 -8.57 12.43
CA HIS A 1023 -24.90 -8.41 11.63
CA HIS A 1023 -24.91 -8.40 11.64
C HIS A 1023 -24.70 -7.23 10.68
N GLY A 1024 -25.10 -7.40 9.43
CA GLY A 1024 -25.02 -6.35 8.42
C GLY A 1024 -26.43 -6.08 7.91
N ASP A 1025 -26.62 -4.88 7.36
CA ASP A 1025 -27.85 -4.52 6.64
C ASP A 1025 -27.47 -3.72 5.44
N ARG A 1026 -27.33 -4.33 4.28
CA ARG A 1026 -26.90 -3.55 3.13
C ARG A 1026 -28.10 -2.71 2.73
N GLU A 1027 -27.86 -1.59 2.03
CA GLU A 1027 -28.93 -0.74 1.53
C GLU A 1027 -29.49 -1.21 0.20
N SER A 1028 -30.63 -0.63 -0.19
CA SER A 1028 -31.12 -0.78 -1.53
C SER A 1028 -30.28 0.11 -2.38
N ILE A 1029 -30.18 -0.21 -3.65
CA ILE A 1029 -29.34 0.54 -4.59
C ILE A 1029 -30.16 0.82 -5.88
N PRO A 1030 -29.83 1.88 -6.59
CA PRO A 1030 -30.52 2.27 -7.83
C PRO A 1030 -29.93 1.63 -9.06
N ALA A 1031 -30.74 1.58 -10.10
CA ALA A 1031 -30.40 1.02 -11.42
C ALA A 1031 -30.28 2.06 -12.48
N ASP A 1032 -30.47 3.33 -12.14
CA ASP A 1032 -30.66 4.40 -13.14
C ASP A 1032 -29.61 5.52 -13.00
N VAL A 1033 -28.52 5.28 -12.24
CA VAL A 1033 -27.41 6.26 -12.17
C VAL A 1033 -26.14 5.51 -12.60
N ALA A 1034 -25.50 5.98 -13.67
CA ALA A 1034 -24.33 5.31 -14.25
C ALA A 1034 -23.08 6.06 -13.83
N ILE A 1035 -21.97 5.36 -13.59
CA ILE A 1035 -20.70 6.05 -13.34
C ILE A 1035 -19.87 5.98 -14.59
N LYS A 1036 -20.18 6.88 -15.54
CA LYS A 1036 -19.48 6.96 -16.81
C LYS A 1036 -18.03 7.47 -16.61
N GLN A 1037 -17.78 8.22 -15.54
CA GLN A 1037 -16.44 8.61 -15.15
C GLN A 1037 -16.40 8.71 -13.66
N TRP A 1038 -15.26 8.36 -13.06
CA TRP A 1038 -15.05 8.53 -11.65
C TRP A 1038 -15.04 10.04 -11.31
N SER A 1039 -15.31 10.36 -10.05
CA SER A 1039 -15.11 11.70 -9.44
C SER A 1039 -15.04 11.48 -7.91
N ALA A 1040 -14.54 12.47 -7.17
CA ALA A 1040 -14.20 12.28 -5.74
C ALA A 1040 -15.38 11.88 -4.86
N LYS A 1041 -16.59 12.17 -5.28
CA LYS A 1041 -17.76 11.85 -4.44
C LYS A 1041 -17.95 10.34 -4.36
N TYR A 1042 -17.40 9.61 -5.32
CA TYR A 1042 -17.41 8.14 -5.31
C TYR A 1042 -16.15 7.48 -4.68
N MET A 1043 -15.26 8.29 -4.10
CA MET A 1043 -13.98 7.84 -3.56
C MET A 1043 -13.91 8.07 -2.05
N ASN A 1044 -13.17 7.23 -1.33
CA ASN A 1044 -12.92 7.37 0.11
C ASN A 1044 -11.72 8.27 0.31
N GLY A 1045 -10.82 8.27 -0.65
CA GLY A 1045 -9.60 9.05 -0.51
C GLY A 1045 -8.58 8.76 -1.57
N THR A 1046 -7.35 9.16 -1.28
CA THR A 1046 -6.25 9.12 -2.24
C THR A 1046 -4.91 8.93 -1.55
N ASN A 1047 -3.96 8.35 -2.26
CA ASN A 1047 -2.55 8.45 -1.85
C ASN A 1047 -2.12 9.93 -1.83
N VAL A 1048 -1.12 10.23 -0.98
CA VAL A 1048 -0.63 11.65 -0.87
C VAL A 1048 -0.04 12.14 -2.15
N LEU A 1049 -0.35 13.38 -2.55
CA LEU A 1049 0.04 13.90 -3.87
C LEU A 1049 1.14 14.94 -3.81
N GLY A 1050 1.48 15.43 -2.61
CA GLY A 1050 2.61 16.38 -2.45
C GLY A 1050 2.38 17.86 -2.73
N ASN A 1051 1.13 18.26 -2.87
CA ASN A 1051 0.75 19.64 -3.07
C ASN A 1051 0.94 20.51 -1.82
N GLY A 1052 0.95 19.90 -0.64
CA GLY A 1052 1.12 20.65 0.62
C GLY A 1052 -0.17 20.91 1.35
N MET A 1053 -0.06 21.36 2.60
CA MET A 1053 -1.25 21.71 3.42
C MET A 1053 -1.96 22.96 3.01
N GLY A 1054 -1.32 23.78 2.16
CA GLY A 1054 -1.91 25.06 1.84
C GLY A 1054 -1.96 25.47 0.40
N TYR A 1055 -1.99 24.49 -0.52
CA TYR A 1055 -2.08 24.81 -1.98
C TYR A 1055 -3.44 25.38 -2.38
N VAL A 1056 -4.52 25.01 -1.69
CA VAL A 1056 -5.81 25.67 -1.86
C VAL A 1056 -5.81 26.88 -0.91
N LEU A 1057 -5.93 28.09 -1.44
CA LEU A 1057 -5.62 29.28 -0.65
C LEU A 1057 -6.66 29.67 0.35
N LYS A 1058 -6.21 29.97 1.56
CA LYS A 1058 -7.09 30.56 2.54
C LYS A 1058 -6.33 31.60 3.39
N ASP A 1059 -7.09 32.34 4.17
CA ASP A 1059 -6.58 33.28 5.16
C ASP A 1059 -6.33 32.45 6.40
N TRP A 1060 -5.08 32.24 6.71
CA TRP A 1060 -4.64 31.47 7.86
C TRP A 1060 -4.82 32.14 9.23
N HIS A 1061 -5.23 33.42 9.26
CA HIS A 1061 -5.50 34.12 10.54
C HIS A 1061 -6.84 33.62 11.12
N ASN A 1062 -7.89 33.64 10.29
CA ASN A 1062 -9.22 33.14 10.65
C ASN A 1062 -9.71 31.77 10.04
N GLY A 1063 -8.93 31.17 9.15
CA GLY A 1063 -9.24 29.88 8.56
C GLY A 1063 -10.19 29.88 7.37
N GLN A 1064 -10.45 31.03 6.77
CA GLN A 1064 -11.47 31.12 5.73
C GLN A 1064 -10.93 31.02 4.34
N TYR A 1065 -11.47 30.05 3.61
CA TYR A 1065 -11.10 29.85 2.20
C TYR A 1065 -11.62 30.96 1.30
N PHE A 1066 -10.80 31.27 0.32
CA PHE A 1066 -11.17 32.12 -0.82
C PHE A 1066 -11.97 31.29 -1.79
N LYS A 1067 -13.19 31.68 -2.05
CA LYS A 1067 -14.03 30.94 -2.94
C LYS A 1067 -14.76 31.94 -3.82
N LEU A 1068 -14.75 31.71 -5.11
CA LEU A 1068 -15.39 32.63 -6.05
C LEU A 1068 -16.90 32.42 -6.13
N ASP A 1069 -17.64 33.52 -6.38
CA ASP A 1069 -19.11 33.49 -6.62
C ASP A 1069 -19.40 34.11 -7.99
C1 GLC B . 17.19 18.60 8.24
C2 GLC B . 16.16 19.41 7.46
C3 GLC B . 16.59 19.80 6.06
C4 GLC B . 17.89 20.54 6.21
C5 GLC B . 18.92 19.58 6.83
C6 GLC B . 20.26 20.25 7.01
O1 GLC B . 17.23 17.24 7.79
O2 GLC B . 14.93 18.68 7.42
O3 GLC B . 15.68 20.68 5.39
O4 GLC B . 18.29 21.07 4.94
O5 GLC B . 18.51 19.15 8.13
O6 GLC B . 20.09 21.28 7.98
C1 GLC B . 21.31 22.01 8.21
C2 GLC B . 20.93 23.11 9.21
C3 GLC B . 20.05 24.17 8.56
C4 GLC B . 20.52 24.61 7.14
C5 GLC B . 21.11 23.46 6.26
C6 GLC B . 21.90 24.01 5.05
O2 GLC B . 20.26 22.53 10.35
O3 GLC B . 19.99 25.24 9.51
O4 GLC B . 19.45 25.20 6.35
O5 GLC B . 21.94 22.57 7.03
O6 GLC B . 21.64 23.22 3.88
CA CA C . -10.66 0.45 0.06
NA NA D . -20.00 -17.18 -17.07
C1 GLC E . -0.60 12.81 29.72
C2 GLC E . -0.15 13.98 28.76
C3 GLC E . 0.96 13.63 27.73
C4 GLC E . 2.09 12.77 28.39
C5 GLC E . 1.55 11.65 29.34
C6 GLC E . 2.58 10.81 30.12
O1 GLC E . -1.45 11.83 29.09
O2 GLC E . -1.25 14.51 28.04
O3 GLC E . 1.49 14.83 27.10
O4 GLC E . 2.91 12.21 27.34
O5 GLC E . 0.54 12.12 30.29
O6 GLC E . 3.89 11.40 30.25
C1 PEG F . -13.14 35.83 -1.14
O1 PEG F . -14.02 34.94 -0.48
C2 PEG F . -12.92 35.39 -2.59
O2 PEG F . -12.06 36.32 -3.29
C3 PEG F . -10.63 36.19 -3.14
C4 PEG F . -9.92 37.55 -3.24
O4 PEG F . -8.56 37.56 -2.72
#